data_7P34
#
_entry.id   7P34
#
_cell.length_a   1.00
_cell.length_b   1.00
_cell.length_c   1.00
_cell.angle_alpha   90.00
_cell.angle_beta   90.00
_cell.angle_gamma   90.00
#
_symmetry.space_group_name_H-M   'P 1'
#
loop_
_entity.id
_entity.type
_entity.pdbx_description
1 polymer 'Peptide antibiotic transporter SbmA'
2 non-polymer '(1R)-2-{[(S)-{[(2S)-2,3-dihydroxypropyl]oxy}(hydroxy)phosphoryl]oxy}-1-[(hexadecanoyloxy)methyl]ethyl (9Z)-octadec-9-enoate'
#
_entity_poly.entity_id   1
_entity_poly.type   'polypeptide(L)'
_entity_poly.pdbx_seq_one_letter_code
;MFKSFFPKPGTFFLSAFVWALIAVIFWQAGGGDWVARITGASGQIPISAARFWSLDFLIFYAYYIVCVGLFALFWFIYSP
HRWQYWSILGTALIIFVTWFLVEVGVAVNAWYAPFYDLIQTALSSPHKVTIEQFYREVGVFLGIALIAVVISVLNNFFVS
HYVFRWRTAMNEYYMANWQQLRHIEGAAQRVQEDTMRFASTLENMGVSFINAIMTLIAFLPVLVTLSAHVPELPIIGHIP
YGLVIAAIVWSLMGTGLLAVVGIKLPGLEFKNQRVEAAYRKELVYGEDDATRATPPTVRELFSAVRKNYFRLYFHYMYFN
IARILYLQVDNVFGLFLLFPSIVAGTITLGLMTQITNVFGQVRGAFQYLINSWTTLVELMSIYKRLRSFEHELDGDKIQE
VTHTLS
;
_entity_poly.pdbx_strand_id   A,B
#
# COMPACT_ATOMS: atom_id res chain seq x y z
N MET A 1 -3.63 20.07 -14.82
CA MET A 1 -4.87 19.62 -15.43
C MET A 1 -5.96 20.68 -15.28
N PHE A 2 -5.62 21.80 -14.67
CA PHE A 2 -6.56 22.86 -14.38
C PHE A 2 -6.09 24.19 -14.95
N LYS A 3 -6.84 25.24 -14.68
CA LYS A 3 -6.55 26.57 -15.19
C LYS A 3 -6.20 27.56 -14.08
N SER A 4 -6.47 27.23 -12.81
CA SER A 4 -6.08 28.09 -11.71
C SER A 4 -4.57 28.19 -11.60
N PHE A 5 -3.89 27.04 -11.57
CA PHE A 5 -2.46 26.99 -11.82
C PHE A 5 -2.19 27.03 -13.33
N PHE A 6 -0.95 26.73 -13.71
CA PHE A 6 -0.62 26.37 -15.08
C PHE A 6 -1.11 27.39 -16.10
N PRO A 7 -0.34 28.47 -16.33
CA PRO A 7 -0.89 29.68 -16.98
C PRO A 7 -1.86 29.45 -18.14
N LYS A 8 -1.43 28.73 -19.17
CA LYS A 8 -2.34 28.36 -20.25
C LYS A 8 -2.24 26.86 -20.47
N PRO A 9 -3.14 26.06 -19.90
CA PRO A 9 -2.96 24.60 -19.94
C PRO A 9 -3.00 24.01 -21.33
N GLY A 10 -3.59 24.71 -22.31
CA GLY A 10 -3.64 24.16 -23.65
C GLY A 10 -2.28 24.01 -24.30
N THR A 11 -1.41 25.01 -24.12
CA THR A 11 -0.09 24.97 -24.73
C THR A 11 1.03 24.76 -23.74
N PHE A 12 0.77 24.81 -22.44
CA PHE A 12 1.84 24.63 -21.47
C PHE A 12 2.36 23.20 -21.48
N PHE A 13 1.44 22.23 -21.48
CA PHE A 13 1.86 20.84 -21.39
C PHE A 13 2.54 20.38 -22.66
N LEU A 14 2.09 20.86 -23.82
CA LEU A 14 2.75 20.53 -25.06
C LEU A 14 4.18 21.04 -25.07
N SER A 15 4.38 22.27 -24.62
CA SER A 15 5.74 22.82 -24.54
C SER A 15 6.59 22.03 -23.56
N ALA A 16 6.01 21.64 -22.42
CA ALA A 16 6.76 20.84 -21.47
C ALA A 16 7.21 19.52 -22.08
N PHE A 17 6.31 18.83 -22.78
CA PHE A 17 6.65 17.54 -23.37
C PHE A 17 7.72 17.69 -24.45
N VAL A 18 7.55 18.67 -25.34
CA VAL A 18 8.53 18.87 -26.41
C VAL A 18 9.91 19.20 -25.84
N TRP A 19 9.95 20.11 -24.86
CA TRP A 19 11.24 20.49 -24.29
C TRP A 19 11.89 19.32 -23.57
N ALA A 20 11.09 18.52 -22.85
CA ALA A 20 11.65 17.35 -22.19
C ALA A 20 12.25 16.38 -23.20
N LEU A 21 11.56 16.15 -24.31
CA LEU A 21 12.10 15.26 -25.34
C LEU A 21 13.40 15.81 -25.92
N ILE A 22 13.44 17.11 -26.20
CA ILE A 22 14.64 17.70 -26.77
C ILE A 22 15.81 17.55 -25.81
N ALA A 23 15.61 17.85 -24.53
CA ALA A 23 16.70 17.76 -23.57
C ALA A 23 17.17 16.31 -23.39
N VAL A 24 16.23 15.37 -23.29
CA VAL A 24 16.61 13.97 -23.11
C VAL A 24 17.39 13.46 -24.31
N ILE A 25 16.94 13.78 -25.52
CA ILE A 25 17.66 13.36 -26.72
C ILE A 25 19.05 13.98 -26.76
N PHE A 26 19.17 15.25 -26.38
CA PHE A 26 20.48 15.89 -26.38
C PHE A 26 21.43 15.21 -25.40
N TRP A 27 20.93 14.83 -24.23
CA TRP A 27 21.84 14.29 -23.22
C TRP A 27 22.18 12.83 -23.43
N GLN A 28 21.19 11.98 -23.73
CA GLN A 28 21.42 10.55 -23.73
C GLN A 28 22.39 10.15 -24.84
N ALA A 29 21.99 10.36 -26.09
CA ALA A 29 22.80 9.94 -27.23
C ALA A 29 23.12 11.08 -28.17
N GLY A 30 22.62 12.27 -27.93
CA GLY A 30 22.88 13.39 -28.80
C GLY A 30 24.30 13.89 -28.76
N GLY A 31 25.20 13.16 -28.12
CA GLY A 31 26.58 13.58 -28.02
C GLY A 31 26.82 14.68 -27.02
N GLY A 32 25.81 15.08 -26.27
CA GLY A 32 25.94 16.12 -25.27
C GLY A 32 26.54 15.67 -23.96
N ASP A 33 26.90 14.40 -23.85
CA ASP A 33 27.52 13.86 -22.64
C ASP A 33 29.03 14.09 -22.63
N TRP A 34 29.54 15.03 -23.41
CA TRP A 34 30.95 15.35 -23.33
C TRP A 34 31.21 16.20 -22.09
N VAL A 35 32.16 15.75 -21.27
CA VAL A 35 32.53 16.45 -20.04
C VAL A 35 33.93 17.02 -20.17
N ALA A 36 34.02 18.28 -20.57
CA ALA A 36 35.32 18.91 -20.76
C ALA A 36 36.02 19.16 -19.44
N ARG A 37 35.27 19.26 -18.34
CA ARG A 37 35.86 19.66 -17.07
C ARG A 37 36.72 18.57 -16.46
N ILE A 38 36.11 17.43 -16.10
CA ILE A 38 36.82 16.33 -15.48
C ILE A 38 36.21 15.03 -15.97
N THR A 39 37.05 14.08 -16.36
CA THR A 39 36.58 12.81 -16.90
C THR A 39 35.98 11.96 -15.79
N GLY A 40 34.67 12.06 -15.59
CA GLY A 40 33.95 11.17 -14.71
C GLY A 40 33.28 10.02 -15.41
N ALA A 41 33.40 9.92 -16.73
CA ALA A 41 32.81 8.83 -17.48
C ALA A 41 33.71 7.60 -17.45
N SER A 42 33.08 6.43 -17.58
CA SER A 42 33.77 5.13 -17.55
C SER A 42 34.51 4.91 -16.23
N GLY A 43 34.17 5.69 -15.20
CA GLY A 43 34.75 5.49 -13.88
C GLY A 43 34.04 6.33 -12.83
N GLN A 44 33.61 5.68 -11.75
CA GLN A 44 32.82 6.34 -10.72
C GLN A 44 33.31 5.93 -9.35
N ILE A 45 33.04 6.77 -8.35
CA ILE A 45 33.45 6.45 -6.99
C ILE A 45 32.74 5.20 -6.53
N PRO A 46 33.37 4.33 -5.74
CA PRO A 46 32.69 3.13 -5.26
C PRO A 46 31.53 3.44 -4.33
N ILE A 47 30.91 2.38 -3.83
CA ILE A 47 29.67 2.49 -3.07
C ILE A 47 29.96 3.19 -1.75
N SER A 48 29.50 4.42 -1.61
CA SER A 48 29.67 5.20 -0.39
C SER A 48 28.74 6.40 -0.47
N ALA A 49 28.64 7.11 0.66
CA ALA A 49 27.77 8.28 0.71
C ALA A 49 28.34 9.46 -0.10
N ALA A 50 29.57 9.35 -0.57
CA ALA A 50 30.18 10.40 -1.38
C ALA A 50 29.86 10.25 -2.85
N ARG A 51 29.11 9.21 -3.21
CA ARG A 51 28.78 8.96 -4.60
C ARG A 51 28.01 10.12 -5.20
N PHE A 52 27.34 10.89 -4.36
CA PHE A 52 26.56 12.05 -4.77
C PHE A 52 27.33 13.35 -4.68
N TRP A 53 28.65 13.30 -4.69
CA TRP A 53 29.47 14.51 -4.72
C TRP A 53 30.47 14.53 -5.87
N SER A 54 30.59 13.44 -6.61
CA SER A 54 31.51 13.41 -7.73
C SER A 54 31.08 14.39 -8.80
N LEU A 55 32.00 14.69 -9.73
CA LEU A 55 31.70 15.69 -10.73
C LEU A 55 30.64 15.24 -11.71
N ASP A 56 30.41 13.93 -11.85
CA ASP A 56 29.35 13.47 -12.74
C ASP A 56 27.98 13.94 -12.27
N PHE A 57 27.67 13.71 -10.99
CA PHE A 57 26.38 14.10 -10.47
C PHE A 57 26.25 15.62 -10.41
N LEU A 58 27.36 16.33 -10.13
CA LEU A 58 27.31 17.78 -10.16
C LEU A 58 27.00 18.29 -11.56
N ILE A 59 27.60 17.69 -12.58
CA ILE A 59 27.31 18.07 -13.95
C ILE A 59 25.84 17.82 -14.27
N PHE A 60 25.30 16.70 -13.81
CA PHE A 60 23.88 16.44 -14.06
C PHE A 60 22.99 17.47 -13.38
N TYR A 61 23.31 17.83 -12.14
CA TYR A 61 22.53 18.85 -11.44
C TYR A 61 22.56 20.17 -12.19
N ALA A 62 23.75 20.56 -12.66
CA ALA A 62 23.87 21.80 -13.41
C ALA A 62 23.06 21.77 -14.69
N TYR A 63 23.09 20.66 -15.41
CA TYR A 63 22.33 20.57 -16.66
C TYR A 63 20.84 20.69 -16.39
N TYR A 64 20.35 19.98 -15.36
CA TYR A 64 18.93 20.05 -15.03
C TYR A 64 18.52 21.48 -14.67
N ILE A 65 19.34 22.15 -13.87
CA ILE A 65 19.00 23.51 -13.46
C ILE A 65 18.97 24.43 -14.68
N VAL A 66 19.92 24.27 -15.59
CA VAL A 66 19.95 25.14 -16.77
C VAL A 66 18.69 24.94 -17.62
N CYS A 67 18.31 23.68 -17.84
CA CYS A 67 17.10 23.42 -18.64
C CYS A 67 15.87 24.03 -17.99
N VAL A 68 15.67 23.78 -16.70
CA VAL A 68 14.48 24.30 -16.02
C VAL A 68 14.50 25.82 -16.01
N GLY A 69 15.68 26.41 -15.86
CA GLY A 69 15.77 27.86 -15.86
C GLY A 69 15.37 28.47 -17.18
N LEU A 70 15.83 27.86 -18.28
CA LEU A 70 15.45 28.37 -19.60
C LEU A 70 13.94 28.28 -19.79
N PHE A 71 13.35 27.14 -19.43
CA PHE A 71 11.90 26.97 -19.59
C PHE A 71 11.13 27.99 -18.77
N ALA A 72 11.50 28.15 -17.50
CA ALA A 72 10.79 29.07 -16.62
C ALA A 72 10.95 30.50 -17.09
N LEU A 73 12.14 30.87 -17.57
CA LEU A 73 12.34 32.25 -17.99
C LEU A 73 11.57 32.54 -19.26
N PHE A 74 11.36 31.53 -20.11
CA PHE A 74 10.46 31.71 -21.24
C PHE A 74 9.04 31.96 -20.77
N TRP A 75 8.52 31.09 -19.91
CA TRP A 75 7.11 31.19 -19.58
C TRP A 75 6.76 32.38 -18.70
N PHE A 76 7.69 32.84 -17.85
CA PHE A 76 7.40 33.98 -16.99
C PHE A 76 7.19 35.26 -17.77
N ILE A 77 7.66 35.33 -19.01
CA ILE A 77 7.41 36.48 -19.86
C ILE A 77 6.33 36.21 -20.90
N TYR A 78 6.20 34.96 -21.37
CA TYR A 78 5.17 34.69 -22.37
C TYR A 78 3.77 34.89 -21.81
N SER A 79 3.51 34.38 -20.60
CA SER A 79 2.17 34.48 -20.03
C SER A 79 2.23 34.52 -18.51
N PRO A 80 2.08 35.69 -17.90
CA PRO A 80 2.21 35.79 -16.44
C PRO A 80 1.08 35.05 -15.73
N HIS A 81 1.37 34.60 -14.52
CA HIS A 81 0.39 33.95 -13.66
C HIS A 81 0.72 34.26 -12.20
N ARG A 82 -0.32 34.22 -11.36
CA ARG A 82 -0.12 34.53 -9.95
C ARG A 82 0.62 33.41 -9.24
N TRP A 83 0.30 32.16 -9.58
CA TRP A 83 0.91 30.98 -8.96
C TRP A 83 1.98 30.34 -9.82
N GLN A 84 2.72 31.14 -10.59
CA GLN A 84 3.67 30.56 -11.54
C GLN A 84 4.80 29.83 -10.81
N TYR A 85 5.31 30.41 -9.74
CA TYR A 85 6.48 29.85 -9.06
C TYR A 85 6.20 28.44 -8.58
N TRP A 86 5.12 28.26 -7.83
CA TRP A 86 4.73 26.93 -7.39
C TRP A 86 4.52 26.05 -8.61
N SER A 87 3.59 26.43 -9.48
CA SER A 87 3.12 25.56 -10.54
C SER A 87 4.23 25.02 -11.43
N ILE A 88 5.31 25.78 -11.61
CA ILE A 88 6.39 25.26 -12.46
C ILE A 88 7.52 24.68 -11.60
N LEU A 89 8.12 25.52 -10.76
CA LEU A 89 9.33 25.11 -10.08
C LEU A 89 9.08 23.99 -9.08
N GLY A 90 7.93 23.99 -8.40
CA GLY A 90 7.66 22.92 -7.45
C GLY A 90 7.54 21.58 -8.14
N THR A 91 6.88 21.55 -9.29
CA THR A 91 6.78 20.31 -10.04
C THR A 91 8.16 19.82 -10.48
N ALA A 92 8.99 20.75 -10.97
CA ALA A 92 10.34 20.37 -11.36
C ALA A 92 11.10 19.78 -10.18
N LEU A 93 11.01 20.43 -9.02
CA LEU A 93 11.74 19.95 -7.84
C LEU A 93 11.23 18.60 -7.38
N ILE A 94 9.92 18.38 -7.45
CA ILE A 94 9.36 17.10 -7.01
C ILE A 94 9.87 15.98 -7.89
N ILE A 95 9.86 16.19 -9.21
CA ILE A 95 10.37 15.17 -10.13
C ILE A 95 11.84 14.90 -9.86
N PHE A 96 12.63 15.96 -9.66
CA PHE A 96 14.05 15.78 -9.40
C PHE A 96 14.29 14.99 -8.11
N VAL A 97 13.57 15.30 -7.04
CA VAL A 97 13.79 14.59 -5.79
C VAL A 97 13.37 13.13 -5.91
N THR A 98 12.31 12.84 -6.66
CA THR A 98 11.94 11.44 -6.86
C THR A 98 13.05 10.68 -7.58
N TRP A 99 13.64 11.29 -8.61
CA TRP A 99 14.77 10.65 -9.27
C TRP A 99 15.93 10.42 -8.30
N PHE A 100 16.20 11.41 -7.45
CA PHE A 100 17.28 11.28 -6.47
C PHE A 100 17.05 10.10 -5.54
N LEU A 101 15.82 9.93 -5.06
CA LEU A 101 15.52 8.80 -4.20
C LEU A 101 15.68 7.47 -4.93
N VAL A 102 15.28 7.39 -6.20
CA VAL A 102 15.50 6.16 -6.94
C VAL A 102 16.99 5.85 -7.05
N GLU A 103 17.81 6.88 -7.27
CA GLU A 103 19.26 6.68 -7.33
C GLU A 103 19.81 6.16 -6.01
N VAL A 104 19.35 6.71 -4.89
CA VAL A 104 19.81 6.23 -3.58
C VAL A 104 19.42 4.77 -3.39
N GLY A 105 18.20 4.41 -3.79
CA GLY A 105 17.81 3.01 -3.74
C GLY A 105 18.70 2.10 -4.56
N VAL A 106 19.09 2.55 -5.76
CA VAL A 106 19.99 1.78 -6.59
C VAL A 106 21.34 1.60 -5.89
N ALA A 107 21.82 2.65 -5.22
CA ALA A 107 23.07 2.54 -4.49
C ALA A 107 23.00 1.51 -3.37
N VAL A 108 21.91 1.51 -2.60
CA VAL A 108 21.75 0.49 -1.57
C VAL A 108 21.71 -0.90 -2.19
N ASN A 109 21.03 -1.03 -3.33
CA ASN A 109 21.02 -2.30 -4.05
C ASN A 109 22.43 -2.76 -4.38
N ALA A 110 23.25 -1.86 -4.91
CA ALA A 110 24.59 -2.24 -5.33
C ALA A 110 25.47 -2.60 -4.14
N TRP A 111 25.20 -2.02 -2.98
CA TRP A 111 26.03 -2.30 -1.81
C TRP A 111 25.98 -3.77 -1.40
N TYR A 112 24.94 -4.51 -1.79
CA TYR A 112 24.77 -5.88 -1.30
C TYR A 112 25.84 -6.85 -1.77
N ALA A 113 26.28 -6.76 -3.03
CA ALA A 113 27.12 -7.83 -3.57
C ALA A 113 28.43 -8.00 -2.81
N PRO A 114 29.23 -6.95 -2.56
CA PRO A 114 30.47 -7.17 -1.82
C PRO A 114 30.27 -7.70 -0.42
N PHE A 115 29.17 -7.33 0.25
CA PHE A 115 28.95 -7.85 1.58
C PHE A 115 28.70 -9.34 1.58
N TYR A 116 27.92 -9.82 0.60
CA TYR A 116 27.77 -11.27 0.44
C TYR A 116 29.09 -11.93 0.10
N ASP A 117 29.93 -11.27 -0.69
CA ASP A 117 31.25 -11.85 -0.98
C ASP A 117 32.07 -11.99 0.28
N LEU A 118 32.04 -10.97 1.14
CA LEU A 118 32.78 -11.04 2.41
C LEU A 118 32.23 -12.13 3.31
N ILE A 119 30.91 -12.27 3.34
CA ILE A 119 30.31 -13.32 4.17
C ILE A 119 30.71 -14.69 3.67
N GLN A 120 30.69 -14.89 2.35
CA GLN A 120 31.11 -16.18 1.80
C GLN A 120 32.57 -16.47 2.10
N THR A 121 33.44 -15.47 1.98
CA THR A 121 34.85 -15.68 2.31
C THR A 121 35.02 -16.02 3.79
N ALA A 122 34.26 -15.36 4.67
CA ALA A 122 34.33 -15.70 6.08
C ALA A 122 33.88 -17.13 6.33
N LEU A 123 32.84 -17.58 5.62
CA LEU A 123 32.36 -18.94 5.81
C LEU A 123 33.36 -19.97 5.30
N SER A 124 34.06 -19.68 4.20
CA SER A 124 35.02 -20.62 3.66
C SER A 124 36.34 -20.60 4.43
N SER A 125 37.00 -19.45 4.45
CA SER A 125 38.29 -19.29 5.11
C SER A 125 38.20 -18.23 6.19
N PRO A 126 38.25 -18.59 7.48
CA PRO A 126 37.98 -17.60 8.52
C PRO A 126 39.21 -16.83 8.98
N HIS A 127 40.41 -17.21 8.57
CA HIS A 127 41.59 -16.54 9.07
C HIS A 127 41.92 -15.26 8.31
N LYS A 128 41.12 -14.92 7.30
CA LYS A 128 41.34 -13.72 6.49
C LYS A 128 40.55 -12.52 7.01
N VAL A 129 39.31 -12.73 7.43
CA VAL A 129 38.41 -11.64 7.76
C VAL A 129 38.16 -11.62 9.26
N THR A 130 37.98 -10.41 9.80
CA THR A 130 37.72 -10.22 11.22
C THR A 130 36.40 -9.45 11.34
N ILE A 131 36.10 -9.01 12.57
CA ILE A 131 34.85 -8.29 12.80
C ILE A 131 34.94 -6.82 12.40
N GLU A 132 36.15 -6.27 12.29
CA GLU A 132 36.30 -4.86 11.96
C GLU A 132 35.78 -4.56 10.56
N GLN A 133 36.02 -5.45 9.61
CA GLN A 133 35.53 -5.22 8.25
C GLN A 133 34.00 -5.19 8.22
N PHE A 134 33.38 -6.09 8.99
CA PHE A 134 31.93 -6.08 9.09
C PHE A 134 31.42 -4.77 9.67
N TYR A 135 32.06 -4.29 10.73
CA TYR A 135 31.60 -3.03 11.32
C TYR A 135 31.78 -1.87 10.35
N ARG A 136 32.87 -1.86 9.58
CA ARG A 136 33.05 -0.82 8.58
C ARG A 136 31.95 -0.85 7.53
N GLU A 137 31.60 -2.05 7.05
CA GLU A 137 30.57 -2.13 6.02
C GLU A 137 29.22 -1.65 6.56
N VAL A 138 28.89 -2.00 7.80
CA VAL A 138 27.65 -1.50 8.39
C VAL A 138 27.69 0.01 8.53
N GLY A 139 28.86 0.56 8.84
CA GLY A 139 28.98 2.01 8.90
C GLY A 139 28.68 2.68 7.57
N VAL A 140 29.17 2.10 6.49
CA VAL A 140 28.87 2.65 5.16
C VAL A 140 27.38 2.59 4.87
N PHE A 141 26.74 1.47 5.21
CA PHE A 141 25.30 1.38 4.99
C PHE A 141 24.54 2.46 5.77
N LEU A 142 24.92 2.68 7.02
CA LEU A 142 24.27 3.74 7.79
C LEU A 142 24.50 5.10 7.15
N GLY A 143 25.70 5.32 6.60
CA GLY A 143 25.96 6.54 5.87
C GLY A 143 24.99 6.78 4.74
N ILE A 144 24.65 5.75 3.97
CA ILE A 144 23.67 5.95 2.91
C ILE A 144 22.27 6.16 3.48
N ALA A 145 21.91 5.39 4.51
CA ALA A 145 20.56 5.48 5.06
C ALA A 145 20.26 6.88 5.59
N LEU A 146 21.27 7.55 6.15
CA LEU A 146 21.04 8.88 6.69
C LEU A 146 20.59 9.85 5.60
N ILE A 147 21.26 9.82 4.45
CA ILE A 147 20.88 10.68 3.33
C ILE A 147 19.48 10.34 2.86
N ALA A 148 19.17 9.05 2.77
CA ALA A 148 17.81 8.66 2.38
C ALA A 148 16.76 9.30 3.27
N VAL A 149 16.96 9.17 4.59
CA VAL A 149 15.98 9.72 5.55
C VAL A 149 15.86 11.23 5.39
N VAL A 150 17.01 11.93 5.33
CA VAL A 150 16.99 13.38 5.30
C VAL A 150 16.24 13.89 4.07
N ILE A 151 16.48 13.28 2.90
CA ILE A 151 15.78 13.76 1.70
C ILE A 151 14.31 13.40 1.75
N SER A 152 13.96 12.20 2.24
CA SER A 152 12.57 11.78 2.21
C SER A 152 11.68 12.68 3.07
N VAL A 153 12.17 13.09 4.24
CA VAL A 153 11.33 13.90 5.12
C VAL A 153 10.96 15.22 4.45
N LEU A 154 11.95 15.93 3.92
CA LEU A 154 11.69 17.20 3.26
C LEU A 154 10.84 17.02 2.00
N ASN A 155 11.04 15.91 1.28
CA ASN A 155 10.19 15.63 0.13
C ASN A 155 8.73 15.59 0.51
N ASN A 156 8.40 14.84 1.58
CA ASN A 156 7.00 14.76 2.01
C ASN A 156 6.48 16.12 2.43
N PHE A 157 7.27 16.89 3.17
CA PHE A 157 6.81 18.20 3.62
C PHE A 157 6.49 19.13 2.44
N PHE A 158 7.39 19.17 1.45
CA PHE A 158 7.17 20.05 0.31
C PHE A 158 5.98 19.60 -0.54
N VAL A 159 5.81 18.28 -0.70
CA VAL A 159 4.66 17.80 -1.47
C VAL A 159 3.37 18.23 -0.79
N SER A 160 3.32 18.14 0.55
CA SER A 160 2.13 18.57 1.26
C SER A 160 1.82 20.03 0.99
N HIS A 161 2.82 20.91 1.12
CA HIS A 161 2.51 22.32 0.89
C HIS A 161 2.11 22.60 -0.56
N TYR A 162 2.75 21.94 -1.52
CA TYR A 162 2.39 22.18 -2.92
C TYR A 162 0.95 21.77 -3.20
N VAL A 163 0.54 20.62 -2.68
CA VAL A 163 -0.84 20.19 -2.89
C VAL A 163 -1.81 21.17 -2.24
N PHE A 164 -1.50 21.65 -1.03
CA PHE A 164 -2.42 22.59 -0.41
C PHE A 164 -2.48 23.90 -1.19
N ARG A 165 -1.37 24.30 -1.82
CA ARG A 165 -1.42 25.48 -2.67
C ARG A 165 -2.37 25.27 -3.83
N TRP A 166 -2.33 24.08 -4.44
CA TRP A 166 -3.28 23.77 -5.50
C TRP A 166 -4.71 23.89 -5.02
N ARG A 167 -4.98 23.36 -3.83
CA ARG A 167 -6.34 23.42 -3.30
C ARG A 167 -6.77 24.86 -3.06
N THR A 168 -5.85 25.69 -2.56
CA THR A 168 -6.17 27.10 -2.36
C THR A 168 -6.56 27.77 -3.68
N ALA A 169 -5.78 27.48 -4.73
CA ALA A 169 -6.09 28.07 -6.02
C ALA A 169 -7.48 27.66 -6.52
N MET A 170 -7.78 26.36 -6.43
CA MET A 170 -9.08 25.88 -6.90
C MET A 170 -10.21 26.54 -6.12
N ASN A 171 -10.08 26.60 -4.80
CA ASN A 171 -11.16 27.13 -3.99
C ASN A 171 -11.37 28.61 -4.27
N GLU A 172 -10.28 29.36 -4.41
CA GLU A 172 -10.41 30.79 -4.72
C GLU A 172 -11.12 30.99 -6.06
N TYR A 173 -10.71 30.23 -7.08
CA TYR A 173 -11.34 30.40 -8.38
C TYR A 173 -12.82 30.02 -8.37
N TYR A 174 -13.20 28.91 -7.73
CA TYR A 174 -14.62 28.58 -7.64
C TYR A 174 -15.41 29.64 -6.88
N MET A 175 -14.93 30.08 -5.73
CA MET A 175 -15.70 31.05 -4.94
C MET A 175 -15.74 32.41 -5.61
N ALA A 176 -14.85 32.66 -6.57
CA ALA A 176 -14.93 33.91 -7.32
C ALA A 176 -16.23 34.02 -8.12
N ASN A 177 -16.77 32.90 -8.57
CA ASN A 177 -17.94 32.87 -9.44
C ASN A 177 -19.07 32.10 -8.75
N TRP A 178 -19.28 32.35 -7.46
CA TRP A 178 -20.20 31.54 -6.68
C TRP A 178 -21.66 31.83 -7.01
N GLN A 179 -21.98 33.02 -7.50
CA GLN A 179 -23.37 33.41 -7.67
C GLN A 179 -24.05 32.60 -8.77
N GLN A 180 -23.39 32.47 -9.91
CA GLN A 180 -23.92 31.74 -11.04
C GLN A 180 -23.48 30.29 -11.06
N LEU A 181 -22.97 29.78 -9.94
CA LEU A 181 -22.48 28.42 -9.87
C LEU A 181 -23.14 27.61 -8.77
N ARG A 182 -23.92 28.24 -7.90
CA ARG A 182 -24.61 27.55 -6.82
C ARG A 182 -25.87 26.84 -7.27
N HIS A 183 -26.37 27.12 -8.47
CA HIS A 183 -27.62 26.53 -8.93
C HIS A 183 -27.47 25.06 -9.31
N ILE A 184 -26.26 24.56 -9.38
CA ILE A 184 -26.01 23.15 -9.69
C ILE A 184 -26.19 22.34 -8.42
N GLU A 185 -26.77 21.15 -8.58
CA GLU A 185 -27.00 20.28 -7.44
C GLU A 185 -25.69 19.88 -6.78
N GLY A 186 -25.68 19.85 -5.45
CA GLY A 186 -24.48 19.48 -4.72
C GLY A 186 -23.34 20.44 -4.88
N ALA A 187 -23.62 21.74 -4.89
CA ALA A 187 -22.57 22.73 -5.03
C ALA A 187 -21.70 22.84 -3.79
N ALA A 188 -22.28 22.73 -2.60
CA ALA A 188 -21.50 22.86 -1.38
C ALA A 188 -20.48 21.74 -1.23
N GLN A 189 -20.78 20.56 -1.76
CA GLN A 189 -19.84 19.46 -1.66
C GLN A 189 -18.64 19.65 -2.59
N ARG A 190 -18.89 20.19 -3.79
CA ARG A 190 -17.85 20.33 -4.80
C ARG A 190 -16.66 21.12 -4.28
N VAL A 191 -16.91 22.24 -3.62
CA VAL A 191 -15.83 23.15 -3.29
C VAL A 191 -15.10 22.78 -2.01
N GLN A 192 -15.69 21.97 -1.14
CA GLN A 192 -15.04 21.62 0.12
C GLN A 192 -14.70 20.14 0.23
N GLU A 193 -15.68 19.25 0.14
CA GLU A 193 -15.37 17.82 0.29
C GLU A 193 -14.52 17.33 -0.86
N ASP A 194 -14.92 17.64 -2.09
CA ASP A 194 -14.20 17.16 -3.26
C ASP A 194 -12.78 17.69 -3.29
N THR A 195 -12.59 18.97 -2.96
CA THR A 195 -11.24 19.52 -2.96
C THR A 195 -10.38 18.88 -1.90
N MET A 196 -10.93 18.65 -0.71
CA MET A 196 -10.16 17.98 0.33
C MET A 196 -9.74 16.58 -0.09
N ARG A 197 -10.68 15.80 -0.63
CA ARG A 197 -10.32 14.44 -1.04
C ARG A 197 -9.35 14.45 -2.19
N PHE A 198 -9.48 15.42 -3.11
CA PHE A 198 -8.51 15.52 -4.21
C PHE A 198 -7.12 15.79 -3.67
N ALA A 199 -6.99 16.73 -2.72
CA ALA A 199 -5.69 17.02 -2.14
C ALA A 199 -5.10 15.80 -1.45
N SER A 200 -5.88 15.16 -0.57
CA SER A 200 -5.35 14.04 0.19
C SER A 200 -5.03 12.85 -0.70
N THR A 201 -5.85 12.59 -1.72
CA THR A 201 -5.60 11.48 -2.63
C THR A 201 -4.39 11.73 -3.50
N LEU A 202 -4.22 12.95 -4.01
CA LEU A 202 -3.08 13.22 -4.87
C LEU A 202 -1.78 13.23 -4.09
N GLU A 203 -1.81 13.64 -2.82
CA GLU A 203 -0.60 13.59 -2.00
C GLU A 203 -0.07 12.18 -1.84
N ASN A 204 -0.94 11.18 -1.93
CA ASN A 204 -0.57 9.79 -1.70
C ASN A 204 -0.37 9.00 -2.99
N MET A 205 -1.17 9.25 -4.02
CA MET A 205 -1.13 8.46 -5.23
C MET A 205 -0.35 9.14 -6.36
N GLY A 206 0.19 10.32 -6.09
CA GLY A 206 0.96 11.02 -7.10
C GLY A 206 2.41 10.63 -7.08
N VAL A 207 3.00 10.60 -5.89
CA VAL A 207 4.39 10.23 -5.75
C VAL A 207 4.61 8.79 -6.17
N SER A 208 3.69 7.90 -5.79
CA SER A 208 3.86 6.48 -6.12
C SER A 208 3.83 6.26 -7.62
N PHE A 209 2.99 6.98 -8.34
CA PHE A 209 2.90 6.80 -9.79
C PHE A 209 4.13 7.32 -10.50
N ILE A 210 4.66 8.47 -10.09
CA ILE A 210 5.89 8.98 -10.69
C ILE A 210 7.06 8.06 -10.37
N ASN A 211 7.08 7.48 -9.16
CA ASN A 211 8.18 6.63 -8.75
C ASN A 211 8.29 5.39 -9.62
N ALA A 212 7.15 4.82 -10.01
CA ALA A 212 7.18 3.62 -10.84
C ALA A 212 7.78 3.90 -12.21
N ILE A 213 7.36 4.98 -12.85
CA ILE A 213 7.90 5.34 -14.15
C ILE A 213 9.39 5.63 -14.03
N MET A 214 9.80 6.30 -12.95
CA MET A 214 11.21 6.58 -12.77
C MET A 214 12.01 5.30 -12.60
N THR A 215 11.46 4.32 -11.86
CA THR A 215 12.16 3.04 -11.69
C THR A 215 12.33 2.33 -13.03
N LEU A 216 11.29 2.33 -13.85
CA LEU A 216 11.39 1.71 -15.17
C LEU A 216 12.45 2.39 -16.02
N ILE A 217 12.46 3.73 -16.03
CA ILE A 217 13.44 4.47 -16.81
C ILE A 217 14.85 4.21 -16.30
N ALA A 218 15.01 4.06 -15.00
CA ALA A 218 16.33 3.80 -14.44
C ALA A 218 16.84 2.42 -14.83
N PHE A 219 15.98 1.41 -14.78
CA PHE A 219 16.46 0.05 -15.02
C PHE A 219 16.46 -0.35 -16.49
N LEU A 220 15.87 0.46 -17.37
CA LEU A 220 15.83 0.10 -18.79
C LEU A 220 17.20 -0.20 -19.40
N PRO A 221 18.24 0.61 -19.20
CA PRO A 221 19.52 0.34 -19.89
C PRO A 221 20.14 -1.01 -19.56
N VAL A 222 19.96 -1.51 -18.34
CA VAL A 222 20.52 -2.82 -18.03
C VAL A 222 19.87 -3.90 -18.87
N LEU A 223 18.55 -3.85 -19.03
CA LEU A 223 17.88 -4.82 -19.89
C LEU A 223 18.29 -4.61 -21.35
N VAL A 224 18.54 -3.36 -21.75
CA VAL A 224 19.01 -3.11 -23.11
C VAL A 224 20.33 -3.82 -23.36
N THR A 225 21.25 -3.70 -22.41
CA THR A 225 22.58 -4.29 -22.57
C THR A 225 22.64 -5.74 -22.14
N LEU A 226 21.55 -6.32 -21.66
CA LEU A 226 21.56 -7.70 -21.20
C LEU A 226 20.72 -8.62 -22.08
N SER A 227 19.92 -8.08 -23.00
CA SER A 227 19.03 -8.89 -23.82
C SER A 227 19.74 -9.47 -25.04
N ALA A 228 21.06 -9.54 -25.01
CA ALA A 228 21.81 -10.22 -26.06
C ALA A 228 21.94 -11.71 -25.84
N HIS A 229 21.56 -12.21 -24.66
CA HIS A 229 21.60 -13.64 -24.37
C HIS A 229 20.24 -14.31 -24.47
N VAL A 230 19.16 -13.55 -24.64
CA VAL A 230 17.84 -14.15 -24.78
C VAL A 230 17.40 -13.81 -26.20
N PRO A 231 17.45 -14.78 -27.12
CA PRO A 231 17.04 -14.51 -28.50
C PRO A 231 15.61 -14.87 -28.81
N GLU A 232 14.94 -15.63 -27.94
CA GLU A 232 13.59 -16.10 -28.23
C GLU A 232 12.69 -15.87 -27.03
N LEU A 233 11.45 -15.50 -27.31
CA LEU A 233 10.41 -15.37 -26.30
C LEU A 233 9.42 -16.50 -26.47
N PRO A 234 8.67 -16.86 -25.41
CA PRO A 234 7.93 -18.13 -25.42
C PRO A 234 7.01 -18.35 -26.61
N ILE A 235 6.03 -17.46 -26.82
CA ILE A 235 5.03 -17.69 -27.86
C ILE A 235 5.04 -16.47 -28.78
N ILE A 236 6.21 -15.87 -28.96
CA ILE A 236 6.31 -14.68 -29.80
C ILE A 236 7.14 -15.02 -31.03
N GLY A 237 8.25 -15.71 -30.82
CA GLY A 237 9.15 -16.00 -31.92
C GLY A 237 10.55 -15.47 -31.70
N HIS A 238 10.95 -14.47 -32.48
CA HIS A 238 12.29 -13.91 -32.36
C HIS A 238 12.22 -12.41 -32.62
N ILE A 239 12.40 -11.61 -31.56
CA ILE A 239 12.39 -10.17 -31.68
C ILE A 239 13.78 -9.64 -31.33
N PRO A 240 14.19 -8.48 -31.83
CA PRO A 240 15.57 -8.02 -31.60
C PRO A 240 15.83 -7.54 -30.19
N TYR A 241 14.78 -7.08 -29.50
CA TYR A 241 14.92 -6.58 -28.13
C TYR A 241 14.00 -7.44 -27.25
N GLY A 242 14.58 -8.44 -26.62
CA GLY A 242 13.79 -9.37 -25.85
C GLY A 242 13.20 -8.79 -24.59
N LEU A 243 14.05 -8.45 -23.63
CA LEU A 243 13.59 -8.14 -22.29
C LEU A 243 12.96 -6.75 -22.17
N VAL A 244 13.42 -5.78 -22.97
CA VAL A 244 12.87 -4.43 -22.87
C VAL A 244 11.42 -4.42 -23.29
N ILE A 245 11.10 -5.04 -24.42
CA ILE A 245 9.72 -5.08 -24.89
C ILE A 245 8.85 -5.84 -23.90
N ALA A 246 9.36 -6.96 -23.40
CA ALA A 246 8.60 -7.75 -22.43
C ALA A 246 8.26 -6.93 -21.20
N ALA A 247 9.25 -6.24 -20.62
CA ALA A 247 9.01 -5.46 -19.42
C ALA A 247 8.04 -4.32 -19.68
N ILE A 248 8.25 -3.55 -20.76
CA ILE A 248 7.40 -2.41 -21.02
C ILE A 248 5.97 -2.85 -21.27
N VAL A 249 5.79 -3.90 -22.07
CA VAL A 249 4.44 -4.37 -22.38
C VAL A 249 3.77 -4.89 -21.13
N TRP A 250 4.47 -5.69 -20.33
CA TRP A 250 3.87 -6.22 -19.11
C TRP A 250 3.39 -5.10 -18.20
N SER A 251 4.27 -4.12 -17.92
CA SER A 251 3.89 -3.07 -16.98
C SER A 251 2.78 -2.20 -17.55
N LEU A 252 2.89 -1.77 -18.80
CA LEU A 252 1.88 -0.91 -19.39
C LEU A 252 0.53 -1.61 -19.45
N MET A 253 0.51 -2.89 -19.82
CA MET A 253 -0.77 -3.59 -19.89
C MET A 253 -1.35 -3.80 -18.50
N GLY A 254 -0.52 -4.18 -17.53
CA GLY A 254 -1.01 -4.32 -16.17
C GLY A 254 -1.57 -3.05 -15.59
N THR A 255 -1.08 -1.89 -16.02
CA THR A 255 -1.65 -0.64 -15.52
C THR A 255 -2.86 -0.18 -16.34
N GLY A 256 -2.87 -0.44 -17.64
CA GLY A 256 -3.89 0.12 -18.51
C GLY A 256 -5.09 -0.76 -18.81
N LEU A 257 -4.85 -2.06 -19.02
CA LEU A 257 -5.95 -2.97 -19.27
C LEU A 257 -6.85 -3.09 -18.06
N LEU A 258 -6.30 -2.95 -16.85
CA LEU A 258 -7.15 -2.91 -15.67
C LEU A 258 -8.06 -1.69 -15.70
N ALA A 259 -7.53 -0.54 -16.09
CA ALA A 259 -8.37 0.65 -16.20
C ALA A 259 -9.46 0.46 -17.25
N VAL A 260 -9.12 -0.14 -18.39
CA VAL A 260 -10.10 -0.37 -19.43
C VAL A 260 -11.18 -1.33 -18.95
N VAL A 261 -10.79 -2.37 -18.24
CA VAL A 261 -11.75 -3.33 -17.70
C VAL A 261 -12.67 -2.65 -16.70
N GLY A 262 -12.12 -1.84 -15.80
CA GLY A 262 -12.91 -1.18 -14.80
C GLY A 262 -13.26 0.25 -15.17
N ILE A 263 -13.49 0.50 -16.45
CA ILE A 263 -13.86 1.84 -16.90
C ILE A 263 -15.21 2.29 -16.35
N LYS A 264 -16.10 1.36 -16.02
CA LYS A 264 -17.45 1.71 -15.59
C LYS A 264 -17.53 2.03 -14.09
N LEU A 265 -16.50 1.68 -13.32
CA LEU A 265 -16.46 1.91 -11.88
C LEU A 265 -16.54 3.40 -11.51
N PRO A 266 -15.70 4.27 -12.10
CA PRO A 266 -15.75 5.68 -11.69
C PRO A 266 -17.08 6.34 -11.95
N GLY A 267 -17.90 5.81 -12.83
CA GLY A 267 -19.20 6.38 -13.07
C GLY A 267 -20.25 6.05 -12.05
N LEU A 268 -19.95 5.16 -11.10
CA LEU A 268 -20.90 4.81 -10.05
C LEU A 268 -20.68 5.61 -8.78
N GLU A 269 -19.42 5.78 -8.37
CA GLU A 269 -19.11 6.60 -7.21
C GLU A 269 -19.73 7.98 -7.32
N PHE A 270 -19.74 8.54 -8.53
CA PHE A 270 -20.44 9.80 -8.80
C PHE A 270 -21.84 9.77 -8.20
N LYS A 271 -22.68 8.82 -8.64
CA LYS A 271 -24.03 8.75 -8.13
C LYS A 271 -24.05 8.54 -6.63
N ASN A 272 -23.14 7.70 -6.13
CA ASN A 272 -23.07 7.48 -4.70
C ASN A 272 -22.94 8.82 -3.98
N GLN A 273 -21.96 9.62 -4.40
CA GLN A 273 -21.74 10.90 -3.75
C GLN A 273 -22.96 11.78 -3.83
N ARG A 274 -23.65 11.77 -4.99
CA ARG A 274 -24.83 12.63 -5.10
C ARG A 274 -25.85 12.28 -4.03
N VAL A 275 -26.14 10.99 -3.88
CA VAL A 275 -27.20 10.65 -2.95
C VAL A 275 -26.76 11.00 -1.54
N GLU A 276 -25.47 10.83 -1.22
CA GLU A 276 -25.03 11.17 0.11
C GLU A 276 -25.18 12.66 0.37
N ALA A 277 -24.88 13.48 -0.63
CA ALA A 277 -25.08 14.91 -0.45
C ALA A 277 -26.55 15.22 -0.18
N ALA A 278 -27.44 14.57 -0.94
CA ALA A 278 -28.87 14.81 -0.73
C ALA A 278 -29.27 14.39 0.68
N TYR A 279 -28.57 13.43 1.25
CA TYR A 279 -28.79 13.07 2.64
C TYR A 279 -28.31 14.18 3.56
N ARG A 280 -27.04 14.56 3.42
CA ARG A 280 -26.41 15.42 4.42
C ARG A 280 -27.09 16.78 4.50
N LYS A 281 -27.47 17.34 3.36
CA LYS A 281 -28.15 18.62 3.35
C LYS A 281 -29.34 18.62 4.31
N GLU A 282 -30.16 17.57 4.27
CA GLU A 282 -31.33 17.53 5.14
C GLU A 282 -30.91 17.64 6.59
N LEU A 283 -29.91 16.88 7.00
CA LEU A 283 -29.49 16.90 8.39
C LEU A 283 -28.94 18.26 8.77
N VAL A 284 -28.23 18.93 7.85
CA VAL A 284 -27.71 20.25 8.16
C VAL A 284 -28.86 21.22 8.37
N TYR A 285 -29.95 21.06 7.64
CA TYR A 285 -31.12 21.88 7.88
C TYR A 285 -31.78 21.50 9.19
N GLY A 286 -31.64 20.24 9.60
CA GLY A 286 -32.29 19.77 10.80
C GLY A 286 -31.55 20.09 12.07
N GLU A 287 -30.29 20.51 11.98
CA GLU A 287 -29.51 20.79 13.17
C GLU A 287 -30.04 22.00 13.93
N ASP A 288 -30.87 22.82 13.29
CA ASP A 288 -31.52 23.94 13.96
C ASP A 288 -33.03 23.76 14.08
N ASP A 289 -33.72 23.57 12.96
CA ASP A 289 -35.17 23.41 12.99
C ASP A 289 -35.52 22.00 13.47
N ALA A 290 -36.53 21.89 14.33
CA ALA A 290 -36.94 20.61 14.87
C ALA A 290 -37.92 19.87 13.98
N THR A 291 -38.42 20.49 12.92
CA THR A 291 -39.41 19.87 12.05
C THR A 291 -38.80 19.28 10.78
N ARG A 292 -37.48 19.22 10.67
CA ARG A 292 -36.83 18.73 9.46
C ARG A 292 -36.00 17.47 9.68
N ALA A 293 -36.23 16.76 10.78
CA ALA A 293 -35.52 15.50 10.99
C ALA A 293 -36.52 14.36 11.17
N THR A 294 -37.62 14.43 10.45
CA THR A 294 -38.70 13.47 10.54
C THR A 294 -38.19 12.09 10.11
N PRO A 295 -38.64 11.01 10.74
CA PRO A 295 -38.11 9.68 10.43
C PRO A 295 -38.27 9.28 8.96
N PRO A 296 -39.47 9.37 8.37
CA PRO A 296 -39.65 8.78 7.03
C PRO A 296 -38.72 9.35 5.96
N THR A 297 -38.44 10.66 5.99
CA THR A 297 -37.55 11.20 4.98
C THR A 297 -36.13 10.64 5.14
N VAL A 298 -35.67 10.50 6.38
CA VAL A 298 -34.38 9.87 6.62
C VAL A 298 -34.39 8.44 6.13
N ARG A 299 -35.51 7.73 6.35
CA ARG A 299 -35.63 6.36 5.85
C ARG A 299 -35.45 6.32 4.34
N GLU A 300 -36.13 7.21 3.62
CA GLU A 300 -36.05 7.18 2.16
C GLU A 300 -34.64 7.49 1.68
N LEU A 301 -33.99 8.48 2.30
CA LEU A 301 -32.64 8.83 1.86
C LEU A 301 -31.66 7.67 2.09
N PHE A 302 -31.74 7.04 3.27
CA PHE A 302 -30.85 5.91 3.53
C PHE A 302 -31.17 4.73 2.63
N SER A 303 -32.44 4.53 2.29
CA SER A 303 -32.79 3.47 1.36
C SER A 303 -32.14 3.68 0.01
N ALA A 304 -32.16 4.91 -0.49
CA ALA A 304 -31.49 5.20 -1.75
C ALA A 304 -29.99 4.95 -1.66
N VAL A 305 -29.38 5.37 -0.54
CA VAL A 305 -27.95 5.17 -0.37
C VAL A 305 -27.60 3.68 -0.41
N ARG A 306 -28.38 2.87 0.29
CA ARG A 306 -28.14 1.43 0.31
C ARG A 306 -28.30 0.83 -1.08
N LYS A 307 -29.34 1.25 -1.80
CA LYS A 307 -29.59 0.69 -3.11
C LYS A 307 -28.44 0.99 -4.07
N ASN A 308 -27.84 2.16 -3.97
CA ASN A 308 -26.72 2.45 -4.87
C ASN A 308 -25.45 1.70 -4.43
N TYR A 309 -25.21 1.63 -3.12
CA TYR A 309 -23.97 1.00 -2.67
C TYR A 309 -23.95 -0.50 -2.98
N PHE A 310 -25.11 -1.15 -2.95
CA PHE A 310 -25.14 -2.57 -3.29
C PHE A 310 -24.69 -2.80 -4.72
N ARG A 311 -25.15 -1.97 -5.65
CA ARG A 311 -24.72 -2.10 -7.05
C ARG A 311 -23.23 -1.84 -7.19
N LEU A 312 -22.72 -0.83 -6.48
CA LEU A 312 -21.28 -0.59 -6.55
C LEU A 312 -20.49 -1.81 -6.08
N TYR A 313 -20.90 -2.41 -4.96
CA TYR A 313 -20.18 -3.59 -4.47
C TYR A 313 -20.31 -4.75 -5.44
N PHE A 314 -21.45 -4.83 -6.13
CA PHE A 314 -21.63 -5.90 -7.11
C PHE A 314 -20.67 -5.76 -8.27
N HIS A 315 -20.42 -4.54 -8.73
CA HIS A 315 -19.55 -4.36 -9.90
C HIS A 315 -18.06 -4.50 -9.58
N TYR A 316 -17.66 -4.94 -8.40
CA TYR A 316 -16.25 -5.23 -8.13
C TYR A 316 -15.84 -6.68 -8.35
N MET A 317 -16.78 -7.61 -8.49
CA MET A 317 -16.38 -9.00 -8.65
C MET A 317 -15.58 -9.21 -9.93
N TYR A 318 -16.09 -8.70 -11.06
CA TYR A 318 -15.41 -8.93 -12.32
C TYR A 318 -14.18 -8.05 -12.49
N PHE A 319 -13.96 -7.09 -11.61
CA PHE A 319 -12.70 -6.37 -11.58
C PHE A 319 -11.67 -7.07 -10.71
N ASN A 320 -12.09 -7.60 -9.58
CA ASN A 320 -11.20 -8.35 -8.71
C ASN A 320 -10.73 -9.63 -9.38
N ILE A 321 -11.57 -10.23 -10.22
CA ILE A 321 -11.14 -11.43 -10.96
C ILE A 321 -9.88 -11.12 -11.75
N ALA A 322 -9.85 -9.98 -12.43
CA ALA A 322 -8.67 -9.60 -13.19
C ALA A 322 -7.51 -9.16 -12.31
N ARG A 323 -7.77 -8.34 -11.30
CA ARG A 323 -6.68 -7.80 -10.50
C ARG A 323 -5.96 -8.88 -9.71
N ILE A 324 -6.71 -9.76 -9.05
CA ILE A 324 -6.09 -10.79 -8.24
C ILE A 324 -5.34 -11.78 -9.11
N LEU A 325 -5.89 -12.11 -10.28
CA LEU A 325 -5.18 -13.00 -11.20
C LEU A 325 -3.89 -12.37 -11.70
N TYR A 326 -3.92 -11.08 -12.02
CA TYR A 326 -2.71 -10.41 -12.46
C TYR A 326 -1.65 -10.40 -11.37
N LEU A 327 -2.05 -10.12 -10.13
CA LEU A 327 -1.09 -10.18 -9.04
C LEU A 327 -0.53 -11.59 -8.86
N GLN A 328 -1.38 -12.60 -8.97
CA GLN A 328 -0.92 -13.97 -8.73
C GLN A 328 0.04 -14.45 -9.80
N VAL A 329 -0.22 -14.14 -11.07
CA VAL A 329 0.65 -14.63 -12.13
C VAL A 329 1.96 -13.84 -12.19
N ASP A 330 1.98 -12.62 -11.67
CA ASP A 330 3.14 -11.74 -11.87
C ASP A 330 4.38 -12.29 -11.18
N ASN A 331 4.21 -13.08 -10.12
CA ASN A 331 5.33 -13.61 -9.36
C ASN A 331 6.23 -14.54 -10.16
N VAL A 332 5.74 -15.13 -11.25
CA VAL A 332 6.53 -16.05 -12.05
C VAL A 332 6.63 -15.61 -13.51
N PHE A 333 6.29 -14.37 -13.82
CA PHE A 333 6.43 -13.88 -15.19
C PHE A 333 7.89 -13.76 -15.61
N GLY A 334 8.78 -13.36 -14.71
CA GLY A 334 10.17 -13.23 -15.08
C GLY A 334 10.88 -14.54 -15.31
N LEU A 335 10.33 -15.63 -14.79
CA LEU A 335 10.90 -16.95 -15.01
C LEU A 335 10.22 -17.71 -16.14
N PHE A 336 9.00 -17.32 -16.50
CA PHE A 336 8.33 -17.90 -17.65
C PHE A 336 9.08 -17.61 -18.95
N LEU A 337 9.60 -16.40 -19.11
CA LEU A 337 10.21 -15.99 -20.36
C LEU A 337 11.44 -16.81 -20.73
N LEU A 338 12.02 -17.54 -19.78
CA LEU A 338 13.33 -18.15 -19.97
C LEU A 338 13.23 -19.65 -20.24
N PHE A 339 12.03 -20.17 -20.49
CA PHE A 339 11.95 -21.60 -20.79
C PHE A 339 12.71 -21.97 -22.07
N PRO A 340 12.48 -21.31 -23.21
CA PRO A 340 13.24 -21.70 -24.41
C PRO A 340 14.73 -21.47 -24.28
N SER A 341 15.17 -20.45 -23.55
CA SER A 341 16.60 -20.20 -23.46
C SER A 341 17.32 -21.27 -22.64
N ILE A 342 16.67 -21.80 -21.61
CA ILE A 342 17.31 -22.86 -20.83
C ILE A 342 17.46 -24.13 -21.66
N VAL A 343 16.41 -24.54 -22.37
CA VAL A 343 16.50 -25.75 -23.17
C VAL A 343 17.48 -25.55 -24.33
N ALA A 344 17.59 -24.31 -24.81
CA ALA A 344 18.58 -24.03 -25.85
C ALA A 344 20.00 -24.00 -25.30
N GLY A 345 20.15 -23.91 -23.98
CA GLY A 345 21.47 -23.93 -23.39
C GLY A 345 22.29 -22.68 -23.64
N THR A 346 21.63 -21.57 -23.98
CA THR A 346 22.37 -20.34 -24.24
C THR A 346 22.78 -19.64 -22.94
N ILE A 347 21.83 -19.45 -22.02
CA ILE A 347 22.11 -18.73 -20.79
C ILE A 347 22.79 -19.67 -19.81
N THR A 348 23.40 -19.09 -18.79
CA THR A 348 24.06 -19.84 -17.74
C THR A 348 23.50 -19.41 -16.39
N LEU A 349 23.82 -20.16 -15.35
CA LEU A 349 23.41 -19.78 -14.00
C LEU A 349 24.14 -18.52 -13.59
N GLY A 350 23.47 -17.68 -12.82
CA GLY A 350 24.05 -16.42 -12.42
C GLY A 350 23.49 -15.28 -13.24
N LEU A 351 23.35 -15.52 -14.55
CA LEU A 351 22.65 -14.55 -15.39
C LEU A 351 21.15 -14.63 -15.15
N MET A 352 20.65 -15.84 -14.89
CA MET A 352 19.27 -16.00 -14.46
C MET A 352 18.99 -15.21 -13.20
N THR A 353 19.92 -15.22 -12.24
CA THR A 353 19.74 -14.45 -11.03
C THR A 353 19.65 -12.97 -11.33
N GLN A 354 20.48 -12.47 -12.25
CA GLN A 354 20.41 -11.06 -12.60
C GLN A 354 19.07 -10.70 -13.22
N ILE A 355 18.58 -11.51 -14.17
CA ILE A 355 17.29 -11.20 -14.79
C ILE A 355 16.19 -11.22 -13.75
N THR A 356 16.18 -12.24 -12.90
CA THR A 356 15.11 -12.37 -11.91
C THR A 356 15.14 -11.21 -10.92
N ASN A 357 16.33 -10.81 -10.46
CA ASN A 357 16.43 -9.69 -9.54
C ASN A 357 15.94 -8.40 -10.18
N VAL A 358 16.33 -8.15 -11.44
CA VAL A 358 15.89 -6.93 -12.10
C VAL A 358 14.37 -6.90 -12.22
N PHE A 359 13.77 -8.01 -12.67
CA PHE A 359 12.33 -8.03 -12.83
C PHE A 359 11.61 -7.90 -11.49
N GLY A 360 12.19 -8.47 -10.43
CA GLY A 360 11.58 -8.34 -9.13
C GLY A 360 11.56 -6.90 -8.62
N GLN A 361 12.69 -6.21 -8.77
CA GLN A 361 12.72 -4.82 -8.31
C GLN A 361 11.87 -3.93 -9.20
N VAL A 362 11.67 -4.29 -10.46
CA VAL A 362 10.74 -3.53 -11.27
C VAL A 362 9.30 -3.77 -10.82
N ARG A 363 8.96 -5.02 -10.51
CA ARG A 363 7.61 -5.34 -10.04
C ARG A 363 7.28 -4.69 -8.70
N GLY A 364 8.31 -4.48 -7.87
CA GLY A 364 8.06 -3.91 -6.55
C GLY A 364 7.45 -2.52 -6.59
N ALA A 365 7.71 -1.76 -7.65
CA ALA A 365 7.19 -0.40 -7.71
C ALA A 365 5.72 -0.36 -8.08
N PHE A 366 5.28 -1.26 -8.95
CA PHE A 366 3.89 -1.32 -9.35
C PHE A 366 3.03 -2.15 -8.40
N GLN A 367 3.64 -2.97 -7.54
CA GLN A 367 2.83 -3.72 -6.58
C GLN A 367 2.00 -2.80 -5.69
N TYR A 368 2.60 -1.74 -5.15
CA TYR A 368 1.88 -0.83 -4.28
C TYR A 368 0.80 -0.06 -5.02
N LEU A 369 1.05 0.27 -6.29
CA LEU A 369 0.06 0.98 -7.07
C LEU A 369 -1.14 0.11 -7.40
N ILE A 370 -0.93 -1.18 -7.66
CA ILE A 370 -2.04 -2.06 -8.01
C ILE A 370 -2.81 -2.46 -6.76
N ASN A 371 -2.12 -2.72 -5.66
CA ASN A 371 -2.80 -3.16 -4.45
C ASN A 371 -3.78 -2.14 -3.92
N SER A 372 -3.59 -0.86 -4.20
CA SER A 372 -4.49 0.19 -3.75
C SER A 372 -5.14 0.81 -4.98
N TRP A 373 -6.21 0.18 -5.45
CA TRP A 373 -6.94 0.67 -6.61
C TRP A 373 -8.21 1.41 -6.24
N THR A 374 -8.68 1.29 -5.00
CA THR A 374 -9.82 2.07 -4.57
C THR A 374 -9.51 3.56 -4.58
N THR A 375 -8.29 3.93 -4.18
CA THR A 375 -7.89 5.32 -4.16
C THR A 375 -7.85 5.92 -5.56
N LEU A 376 -7.36 5.17 -6.55
CA LEU A 376 -7.40 5.69 -7.92
C LEU A 376 -8.83 5.88 -8.39
N VAL A 377 -9.73 4.98 -8.03
CA VAL A 377 -11.13 5.12 -8.40
C VAL A 377 -11.69 6.40 -7.81
N GLU A 378 -11.39 6.66 -6.54
CA GLU A 378 -11.87 7.88 -5.91
C GLU A 378 -11.31 9.11 -6.60
N LEU A 379 -10.02 9.09 -6.95
CA LEU A 379 -9.41 10.23 -7.62
C LEU A 379 -10.06 10.49 -8.97
N MET A 380 -10.31 9.44 -9.74
CA MET A 380 -10.94 9.59 -11.05
C MET A 380 -12.36 10.12 -10.91
N SER A 381 -13.09 9.64 -9.91
CA SER A 381 -14.44 10.15 -9.67
C SER A 381 -14.40 11.62 -9.31
N ILE A 382 -13.43 12.04 -8.48
CA ILE A 382 -13.29 13.46 -8.15
C ILE A 382 -13.01 14.27 -9.40
N TYR A 383 -12.15 13.75 -10.27
CA TYR A 383 -11.87 14.46 -11.52
C TYR A 383 -13.13 14.64 -12.34
N LYS A 384 -13.93 13.60 -12.47
CA LYS A 384 -15.15 13.71 -13.26
C LYS A 384 -16.13 14.69 -12.64
N ARG A 385 -16.29 14.65 -11.31
CA ARG A 385 -17.18 15.57 -10.63
C ARG A 385 -16.77 17.01 -10.87
N LEU A 386 -15.48 17.33 -10.67
CA LEU A 386 -15.03 18.70 -10.85
C LEU A 386 -15.16 19.15 -12.30
N ARG A 387 -14.84 18.25 -13.24
CA ARG A 387 -14.96 18.61 -14.66
C ARG A 387 -16.40 18.90 -15.03
N SER A 388 -17.34 18.07 -14.57
CA SER A 388 -18.75 18.32 -14.84
C SER A 388 -19.23 19.61 -14.17
N PHE A 389 -18.72 19.92 -12.99
CA PHE A 389 -19.09 21.15 -12.30
C PHE A 389 -18.53 22.38 -12.99
N GLU A 390 -17.39 22.26 -13.67
CA GLU A 390 -16.72 23.44 -14.23
C GLU A 390 -17.51 24.02 -15.40
N HIS A 391 -18.27 23.20 -16.11
CA HIS A 391 -19.06 23.70 -17.23
C HIS A 391 -20.39 24.28 -16.78
N MET B 1 -16.40 -3.10 18.93
CA MET B 1 -15.99 -1.95 19.72
C MET B 1 -17.20 -1.07 20.04
N PHE B 2 -18.37 -1.48 19.60
CA PHE B 2 -19.59 -0.71 19.75
C PHE B 2 -20.67 -1.53 20.44
N LYS B 3 -21.84 -0.94 20.56
CA LYS B 3 -22.97 -1.57 21.23
C LYS B 3 -24.14 -1.87 20.31
N SER B 4 -24.15 -1.29 19.10
CA SER B 4 -25.18 -1.61 18.12
C SER B 4 -25.09 -3.07 17.69
N PHE B 5 -23.91 -3.50 17.27
CA PHE B 5 -23.60 -4.93 17.16
C PHE B 5 -23.25 -5.48 18.54
N PHE B 6 -22.71 -6.70 18.55
CA PHE B 6 -21.99 -7.21 19.72
C PHE B 6 -22.80 -7.15 21.01
N PRO B 7 -23.69 -8.11 21.26
CA PRO B 7 -24.77 -7.96 22.24
C PRO B 7 -24.41 -7.20 23.52
N LYS B 8 -23.43 -7.68 24.27
CA LYS B 8 -22.94 -6.95 25.43
C LYS B 8 -21.43 -6.81 25.32
N PRO B 9 -20.91 -5.69 24.83
CA PRO B 9 -19.48 -5.60 24.54
C PRO B 9 -18.59 -5.73 25.76
N GLY B 10 -19.11 -5.48 26.96
CA GLY B 10 -18.28 -5.60 28.15
C GLY B 10 -17.81 -7.01 28.42
N THR B 11 -18.68 -7.99 28.24
CA THR B 11 -18.33 -9.38 28.51
C THR B 11 -18.21 -10.23 27.26
N PHE B 12 -18.58 -9.73 26.09
CA PHE B 12 -18.49 -10.54 24.88
C PHE B 12 -17.05 -10.77 24.49
N PHE B 13 -16.23 -9.71 24.52
CA PHE B 13 -14.85 -9.83 24.05
C PHE B 13 -14.02 -10.66 25.02
N LEU B 14 -14.28 -10.54 26.31
CA LEU B 14 -13.58 -11.36 27.29
C LEU B 14 -13.87 -12.84 27.06
N SER B 15 -15.14 -13.18 26.82
CA SER B 15 -15.49 -14.56 26.54
C SER B 15 -14.84 -15.04 25.25
N ALA B 16 -14.82 -14.18 24.22
CA ALA B 16 -14.17 -14.57 22.98
C ALA B 16 -12.69 -14.89 23.21
N PHE B 17 -12.00 -14.03 23.95
CA PHE B 17 -10.56 -14.24 24.16
C PHE B 17 -10.31 -15.50 24.98
N VAL B 18 -11.07 -15.71 26.06
CA VAL B 18 -10.87 -16.88 26.88
C VAL B 18 -11.15 -18.15 26.09
N TRP B 19 -12.24 -18.18 25.33
CA TRP B 19 -12.56 -19.37 24.55
C TRP B 19 -11.52 -19.64 23.48
N ALA B 20 -11.02 -18.58 22.84
CA ALA B 20 -9.97 -18.77 21.84
C ALA B 20 -8.72 -19.38 22.46
N LEU B 21 -8.34 -18.89 23.64
CA LEU B 21 -7.17 -19.45 24.31
C LEU B 21 -7.39 -20.91 24.68
N ILE B 22 -8.56 -21.24 25.20
CA ILE B 22 -8.84 -22.63 25.57
C ILE B 22 -8.75 -23.54 24.35
N ALA B 23 -9.37 -23.14 23.25
CA ALA B 23 -9.35 -23.98 22.06
C ALA B 23 -7.94 -24.13 21.49
N VAL B 24 -7.18 -23.03 21.43
CA VAL B 24 -5.83 -23.11 20.89
C VAL B 24 -4.95 -24.01 21.75
N ILE B 25 -5.05 -23.87 23.08
CA ILE B 25 -4.26 -24.73 23.96
C ILE B 25 -4.65 -26.17 23.79
N PHE B 26 -5.96 -26.46 23.66
CA PHE B 26 -6.38 -27.84 23.48
C PHE B 26 -5.82 -28.43 22.19
N TRP B 27 -5.81 -27.65 21.11
CA TRP B 27 -5.41 -28.22 19.84
C TRP B 27 -3.89 -28.32 19.68
N GLN B 28 -3.14 -27.28 20.02
CA GLN B 28 -1.73 -27.23 19.68
C GLN B 28 -0.95 -28.31 20.43
N ALA B 29 -0.92 -28.22 21.76
CA ALA B 29 -0.14 -29.14 22.57
C ALA B 29 -0.97 -29.85 23.62
N GLY B 30 -2.25 -29.53 23.74
CA GLY B 30 -3.09 -30.16 24.73
C GLY B 30 -3.38 -31.61 24.46
N GLY B 31 -2.70 -32.22 23.49
CA GLY B 31 -2.95 -33.60 23.16
C GLY B 31 -4.20 -33.85 22.37
N GLY B 32 -4.91 -32.80 21.97
CA GLY B 32 -6.12 -32.91 21.18
C GLY B 32 -5.91 -33.16 19.72
N ASP B 33 -4.65 -33.23 19.27
CA ASP B 33 -4.35 -33.50 17.88
C ASP B 33 -4.36 -34.98 17.56
N TRP B 34 -5.01 -35.81 18.36
CA TRP B 34 -5.15 -37.21 18.02
C TRP B 34 -6.21 -37.38 16.95
N VAL B 35 -5.85 -38.04 15.86
CA VAL B 35 -6.75 -38.28 14.73
C VAL B 35 -7.08 -39.77 14.64
N ALA B 36 -8.20 -40.16 15.25
CA ALA B 36 -8.57 -41.57 15.26
C ALA B 36 -9.04 -42.02 13.88
N ARG B 37 -9.48 -41.10 13.03
CA ARG B 37 -10.09 -41.50 11.77
C ARG B 37 -9.05 -42.00 10.76
N ILE B 38 -8.14 -41.13 10.34
CA ILE B 38 -7.11 -41.49 9.37
C ILE B 38 -5.83 -40.76 9.73
N THR B 39 -4.72 -41.47 9.71
CA THR B 39 -3.43 -40.88 10.09
C THR B 39 -2.96 -39.94 8.99
N GLY B 40 -3.27 -38.66 9.14
CA GLY B 40 -2.73 -37.62 8.29
C GLY B 40 -1.54 -36.89 8.88
N ALA B 41 -1.12 -37.26 10.09
CA ALA B 41 0.03 -36.64 10.73
C ALA B 41 1.32 -37.28 10.25
N SER B 42 2.39 -36.48 10.29
CA SER B 42 3.73 -36.89 9.84
C SER B 42 3.73 -37.31 8.37
N GLY B 43 2.71 -36.93 7.62
CA GLY B 43 2.66 -37.18 6.19
C GLY B 43 1.51 -36.44 5.53
N GLN B 44 1.81 -35.70 4.46
CA GLN B 44 0.83 -34.85 3.81
C GLN B 44 1.00 -34.98 2.30
N ILE B 45 -0.09 -34.68 1.59
CA ILE B 45 -0.05 -34.74 0.12
C ILE B 45 0.96 -33.74 -0.40
N PRO B 46 1.69 -34.03 -1.46
CA PRO B 46 2.65 -33.05 -2.00
C PRO B 46 1.97 -31.82 -2.55
N ILE B 47 2.79 -30.92 -3.10
CA ILE B 47 2.33 -29.59 -3.50
C ILE B 47 1.40 -29.74 -4.69
N SER B 48 0.11 -29.50 -4.47
CA SER B 48 -0.89 -29.56 -5.52
C SER B 48 -2.16 -28.90 -5.00
N ALA B 49 -3.13 -28.72 -5.90
CA ALA B 49 -4.39 -28.09 -5.51
C ALA B 49 -5.24 -29.01 -4.66
N ALA B 50 -4.87 -30.28 -4.51
CA ALA B 50 -5.61 -31.22 -3.67
C ALA B 50 -5.15 -31.16 -2.22
N ARG B 51 -4.17 -30.32 -1.92
CA ARG B 51 -3.65 -30.24 -0.56
C ARG B 51 -4.74 -29.82 0.41
N PHE B 52 -5.77 -29.16 -0.08
CA PHE B 52 -6.89 -28.70 0.72
C PHE B 52 -8.07 -29.66 0.71
N TRP B 53 -7.83 -30.94 0.40
CA TRP B 53 -8.87 -31.95 0.48
C TRP B 53 -8.49 -33.14 1.35
N SER B 54 -7.25 -33.20 1.82
CA SER B 54 -6.83 -34.30 2.65
C SER B 54 -7.59 -34.29 3.98
N LEU B 55 -7.54 -35.40 4.69
CA LEU B 55 -8.32 -35.51 5.92
C LEU B 55 -7.79 -34.59 7.02
N ASP B 56 -6.53 -34.16 6.94
CA ASP B 56 -6.03 -33.23 7.95
C ASP B 56 -6.77 -31.90 7.91
N PHE B 57 -6.88 -31.31 6.72
CA PHE B 57 -7.57 -30.04 6.59
C PHE B 57 -9.07 -30.18 6.87
N LEU B 58 -9.66 -31.31 6.48
CA LEU B 58 -11.06 -31.54 6.82
C LEU B 58 -11.27 -31.62 8.32
N ILE B 59 -10.36 -32.29 9.03
CA ILE B 59 -10.45 -32.35 10.48
C ILE B 59 -10.34 -30.95 11.08
N PHE B 60 -9.43 -30.13 10.55
CA PHE B 60 -9.32 -28.77 11.07
C PHE B 60 -10.60 -27.97 10.83
N TYR B 61 -11.19 -28.10 9.64
CA TYR B 61 -12.44 -27.39 9.36
C TYR B 61 -13.52 -27.83 10.33
N ALA B 62 -13.63 -29.14 10.57
CA ALA B 62 -14.63 -29.62 11.50
C ALA B 62 -14.42 -29.08 12.90
N TYR B 63 -13.18 -29.06 13.37
CA TYR B 63 -12.91 -28.55 14.72
C TYR B 63 -13.28 -27.08 14.83
N TYR B 64 -12.91 -26.28 13.83
CA TYR B 64 -13.25 -24.87 13.86
C TYR B 64 -14.76 -24.66 13.89
N ILE B 65 -15.49 -25.42 13.06
CA ILE B 65 -16.93 -25.26 13.03
C ILE B 65 -17.55 -25.64 14.37
N VAL B 66 -17.05 -26.71 15.00
CA VAL B 66 -17.60 -27.13 16.28
C VAL B 66 -17.38 -26.05 17.34
N CYS B 67 -16.17 -25.48 17.39
CA CYS B 67 -15.90 -24.44 18.38
C CYS B 67 -16.81 -23.23 18.17
N VAL B 68 -16.89 -22.75 16.93
CA VAL B 68 -17.72 -21.57 16.67
C VAL B 68 -19.17 -21.86 16.97
N GLY B 69 -19.63 -23.07 16.65
CA GLY B 69 -21.01 -23.42 16.92
C GLY B 69 -21.34 -23.41 18.40
N LEU B 70 -20.44 -23.96 19.22
CA LEU B 70 -20.67 -23.95 20.67
C LEU B 70 -20.75 -22.52 21.18
N PHE B 71 -19.81 -21.67 20.75
CA PHE B 71 -19.81 -20.28 21.20
C PHE B 71 -21.08 -19.56 20.80
N ALA B 72 -21.49 -19.69 19.54
CA ALA B 72 -22.68 -19.00 19.06
C ALA B 72 -23.92 -19.51 19.74
N LEU B 73 -24.00 -20.82 20.00
CA LEU B 73 -25.20 -21.36 20.63
C LEU B 73 -25.29 -20.92 22.08
N PHE B 74 -24.15 -20.71 22.73
CA PHE B 74 -24.19 -20.10 24.05
C PHE B 74 -24.73 -18.67 23.98
N TRP B 75 -24.16 -17.85 23.10
CA TRP B 75 -24.52 -16.44 23.15
C TRP B 75 -25.93 -16.16 22.62
N PHE B 76 -26.44 -16.96 21.69
CA PHE B 76 -27.78 -16.73 21.16
C PHE B 76 -28.86 -16.91 22.21
N ILE B 77 -28.57 -17.63 23.29
CA ILE B 77 -29.52 -17.77 24.38
C ILE B 77 -29.16 -16.88 25.57
N TYR B 78 -27.88 -16.61 25.81
CA TYR B 78 -27.51 -15.77 26.95
C TYR B 78 -28.02 -14.35 26.78
N SER B 79 -27.85 -13.77 25.60
CA SER B 79 -28.27 -12.39 25.38
C SER B 79 -28.65 -12.15 23.92
N PRO B 80 -29.94 -12.09 23.61
CA PRO B 80 -30.35 -11.95 22.20
C PRO B 80 -29.97 -10.60 21.65
N HIS B 81 -29.77 -10.54 20.34
CA HIS B 81 -29.49 -9.32 19.62
C HIS B 81 -30.07 -9.40 18.22
N ARG B 82 -30.38 -8.22 17.66
CA ARG B 82 -30.98 -8.18 16.32
C ARG B 82 -29.96 -8.55 15.26
N TRP B 83 -28.72 -8.08 15.41
CA TRP B 83 -27.65 -8.32 14.44
C TRP B 83 -26.69 -9.42 14.89
N GLN B 84 -27.18 -10.43 15.61
CA GLN B 84 -26.26 -11.42 16.17
C GLN B 84 -25.58 -12.23 15.08
N TYR B 85 -26.32 -12.62 14.03
CA TYR B 85 -25.78 -13.50 13.02
C TYR B 85 -24.57 -12.88 12.34
N TRP B 86 -24.73 -11.66 11.85
CA TRP B 86 -23.60 -10.96 11.27
C TRP B 86 -22.48 -10.83 12.29
N SER B 87 -22.78 -10.17 13.41
CA SER B 87 -21.76 -9.77 14.37
C SER B 87 -20.88 -10.92 14.84
N ILE B 88 -21.42 -12.13 14.91
CA ILE B 88 -20.58 -13.24 15.37
C ILE B 88 -20.06 -14.06 14.18
N LEU B 89 -20.99 -14.61 13.39
CA LEU B 89 -20.59 -15.58 12.39
C LEU B 89 -19.78 -14.93 11.26
N GLY B 90 -20.09 -13.69 10.88
CA GLY B 90 -19.32 -13.05 9.84
C GLY B 90 -17.88 -12.81 10.25
N THR B 91 -17.67 -12.41 11.51
CA THR B 91 -16.32 -12.23 12.00
C THR B 91 -15.56 -13.55 12.00
N ALA B 92 -16.23 -14.62 12.45
CA ALA B 92 -15.60 -15.93 12.43
C ALA B 92 -15.19 -16.32 11.01
N LEU B 93 -16.09 -16.12 10.06
CA LEU B 93 -15.82 -16.50 8.67
C LEU B 93 -14.69 -15.67 8.08
N ILE B 94 -14.65 -14.37 8.41
CA ILE B 94 -13.59 -13.52 7.87
C ILE B 94 -12.23 -13.97 8.37
N ILE B 95 -12.13 -14.26 9.67
CA ILE B 95 -10.87 -14.75 10.22
C ILE B 95 -10.46 -16.06 9.57
N PHE B 96 -11.42 -16.98 9.41
CA PHE B 96 -11.11 -18.26 8.78
C PHE B 96 -10.62 -18.10 7.36
N VAL B 97 -11.26 -17.24 6.57
CA VAL B 97 -10.85 -17.08 5.17
C VAL B 97 -9.47 -16.43 5.10
N THR B 98 -9.16 -15.51 6.01
CA THR B 98 -7.82 -14.93 6.01
C THR B 98 -6.76 -16.00 6.28
N TRP B 99 -7.04 -16.89 7.24
CA TRP B 99 -6.11 -17.99 7.48
C TRP B 99 -5.96 -18.87 6.25
N PHE B 100 -7.07 -19.14 5.56
CA PHE B 100 -7.03 -19.97 4.37
C PHE B 100 -6.14 -19.34 3.29
N LEU B 101 -6.25 -18.03 3.10
CA LEU B 101 -5.41 -17.36 2.12
C LEU B 101 -3.94 -17.42 2.51
N VAL B 102 -3.62 -17.26 3.80
CA VAL B 102 -2.22 -17.40 4.21
C VAL B 102 -1.71 -18.81 3.91
N GLU B 103 -2.54 -19.82 4.14
CA GLU B 103 -2.12 -21.19 3.81
C GLU B 103 -1.86 -21.36 2.32
N VAL B 104 -2.71 -20.79 1.47
CA VAL B 104 -2.49 -20.89 0.02
C VAL B 104 -1.18 -20.21 -0.36
N GLY B 105 -0.90 -19.05 0.24
CA GLY B 105 0.37 -18.40 0.00
C GLY B 105 1.56 -19.26 0.40
N VAL B 106 1.46 -19.96 1.54
CA VAL B 106 2.52 -20.85 1.96
C VAL B 106 2.71 -21.98 0.95
N ALA B 107 1.61 -22.48 0.41
CA ALA B 107 1.71 -23.54 -0.61
C ALA B 107 2.45 -23.06 -1.85
N VAL B 108 2.12 -21.85 -2.33
CA VAL B 108 2.83 -21.30 -3.48
C VAL B 108 4.31 -21.13 -3.15
N ASN B 109 4.60 -20.67 -1.93
CA ASN B 109 6.00 -20.57 -1.50
C ASN B 109 6.71 -21.92 -1.59
N ALA B 110 6.07 -22.97 -1.12
CA ALA B 110 6.72 -24.28 -1.11
C ALA B 110 6.91 -24.82 -2.51
N TRP B 111 6.04 -24.44 -3.44
CA TRP B 111 6.16 -24.95 -4.80
C TRP B 111 7.47 -24.56 -5.48
N TYR B 112 8.13 -23.50 -5.00
CA TYR B 112 9.31 -22.98 -5.70
C TYR B 112 10.49 -23.93 -5.70
N ALA B 113 10.78 -24.61 -4.58
CA ALA B 113 12.04 -25.34 -4.47
C ALA B 113 12.21 -26.42 -5.54
N PRO B 114 11.25 -27.33 -5.75
CA PRO B 114 11.45 -28.34 -6.79
C PRO B 114 11.61 -27.77 -8.18
N PHE B 115 10.95 -26.65 -8.48
CA PHE B 115 11.10 -26.07 -9.82
C PHE B 115 12.52 -25.55 -10.03
N TYR B 116 13.11 -24.91 -9.02
CA TYR B 116 14.51 -24.53 -9.12
C TYR B 116 15.40 -25.75 -9.24
N ASP B 117 15.08 -26.83 -8.55
CA ASP B 117 15.87 -28.05 -8.70
C ASP B 117 15.82 -28.57 -10.13
N LEU B 118 14.64 -28.56 -10.73
CA LEU B 118 14.52 -29.01 -12.12
C LEU B 118 15.28 -28.10 -13.07
N ILE B 119 15.22 -26.79 -12.82
CA ILE B 119 15.96 -25.86 -13.67
C ILE B 119 17.46 -26.09 -13.55
N GLN B 120 17.96 -26.30 -12.34
CA GLN B 120 19.37 -26.57 -12.16
C GLN B 120 19.78 -27.86 -12.86
N THR B 121 18.97 -28.90 -12.75
CA THR B 121 19.29 -30.15 -13.43
C THR B 121 19.29 -29.97 -14.94
N ALA B 122 18.35 -29.20 -15.47
CA ALA B 122 18.34 -28.92 -16.90
C ALA B 122 19.61 -28.17 -17.31
N LEU B 123 20.06 -27.23 -16.48
CA LEU B 123 21.27 -26.48 -16.81
C LEU B 123 22.52 -27.35 -16.77
N SER B 124 22.58 -28.28 -15.83
CA SER B 124 23.76 -29.15 -15.72
C SER B 124 23.72 -30.27 -16.77
N SER B 125 22.70 -31.12 -16.71
CA SER B 125 22.58 -32.26 -17.61
C SER B 125 21.29 -32.15 -18.41
N PRO B 126 21.35 -31.87 -19.71
CA PRO B 126 20.12 -31.59 -20.45
C PRO B 126 19.44 -32.81 -21.02
N HIS B 127 20.06 -33.98 -20.99
CA HIS B 127 19.45 -35.15 -21.61
C HIS B 127 18.45 -35.85 -20.70
N LYS B 128 18.23 -35.35 -19.49
CA LYS B 128 17.30 -35.93 -18.53
C LYS B 128 15.92 -35.31 -18.60
N VAL B 129 15.85 -33.99 -18.75
CA VAL B 129 14.61 -33.26 -18.64
C VAL B 129 14.20 -32.73 -20.01
N THR B 130 12.90 -32.66 -20.24
CA THR B 130 12.35 -32.17 -21.50
C THR B 130 11.40 -31.03 -21.16
N ILE B 131 10.64 -30.56 -22.16
CA ILE B 131 9.72 -29.45 -21.96
C ILE B 131 8.42 -29.89 -21.31
N GLU B 132 8.08 -31.18 -21.38
CA GLU B 132 6.81 -31.65 -20.81
C GLU B 132 6.78 -31.47 -19.31
N GLN B 133 7.89 -31.74 -18.63
CA GLN B 133 7.92 -31.57 -17.17
C GLN B 133 7.70 -30.12 -16.80
N PHE B 134 8.29 -29.19 -17.55
CA PHE B 134 8.06 -27.78 -17.31
C PHE B 134 6.60 -27.41 -17.47
N TYR B 135 5.97 -27.91 -18.54
CA TYR B 135 4.57 -27.59 -18.75
C TYR B 135 3.70 -28.16 -17.64
N ARG B 136 4.02 -29.37 -17.16
CA ARG B 136 3.27 -29.93 -16.04
C ARG B 136 3.39 -29.08 -14.79
N GLU B 137 4.61 -28.61 -14.48
CA GLU B 137 4.79 -27.80 -13.29
C GLU B 137 4.01 -26.49 -13.39
N VAL B 138 4.02 -25.87 -14.56
CA VAL B 138 3.24 -24.65 -14.73
C VAL B 138 1.75 -24.93 -14.57
N GLY B 139 1.31 -26.11 -15.03
CA GLY B 139 -0.08 -26.48 -14.84
C GLY B 139 -0.46 -26.57 -13.37
N VAL B 140 0.42 -27.15 -12.56
CA VAL B 140 0.16 -27.23 -11.13
C VAL B 140 0.08 -25.83 -10.51
N PHE B 141 0.99 -24.94 -10.91
CA PHE B 141 0.93 -23.58 -10.38
C PHE B 141 -0.39 -22.91 -10.73
N LEU B 142 -0.85 -23.06 -11.97
CA LEU B 142 -2.14 -22.48 -12.33
C LEU B 142 -3.27 -23.07 -11.52
N GLY B 143 -3.18 -24.38 -11.23
CA GLY B 143 -4.15 -24.99 -10.35
C GLY B 143 -4.26 -24.34 -9.00
N ILE B 144 -3.13 -23.97 -8.39
CA ILE B 144 -3.20 -23.27 -7.11
C ILE B 144 -3.74 -21.84 -7.29
N ALA B 145 -3.28 -21.16 -8.33
CA ALA B 145 -3.68 -19.77 -8.53
C ALA B 145 -5.19 -19.63 -8.69
N LEU B 146 -5.83 -20.61 -9.32
CA LEU B 146 -7.28 -20.53 -9.52
C LEU B 146 -8.02 -20.50 -8.19
N ILE B 147 -7.62 -21.37 -7.25
CA ILE B 147 -8.24 -21.38 -5.93
C ILE B 147 -8.00 -20.06 -5.23
N ALA B 148 -6.78 -19.54 -5.32
CA ALA B 148 -6.49 -18.24 -4.70
C ALA B 148 -7.45 -17.17 -5.19
N VAL B 149 -7.62 -17.07 -6.51
CA VAL B 149 -8.50 -16.05 -7.09
C VAL B 149 -9.95 -16.24 -6.62
N VAL B 150 -10.44 -17.48 -6.69
CA VAL B 150 -11.83 -17.74 -6.36
C VAL B 150 -12.14 -17.36 -4.92
N ILE B 151 -11.25 -17.72 -3.98
CA ILE B 151 -11.52 -17.36 -2.58
C ILE B 151 -11.39 -15.86 -2.36
N SER B 152 -10.39 -15.22 -2.97
CA SER B 152 -10.18 -13.80 -2.70
C SER B 152 -11.37 -12.95 -3.13
N VAL B 153 -11.96 -13.26 -4.28
CA VAL B 153 -13.06 -12.43 -4.77
C VAL B 153 -14.23 -12.44 -3.77
N LEU B 154 -14.65 -13.63 -3.37
CA LEU B 154 -15.76 -13.74 -2.42
C LEU B 154 -15.40 -13.16 -1.06
N ASN B 155 -14.14 -13.28 -0.65
CA ASN B 155 -13.72 -12.63 0.59
C ASN B 155 -13.97 -11.14 0.56
N ASN B 156 -13.54 -10.49 -0.52
CA ASN B 156 -13.76 -9.04 -0.63
C ASN B 156 -15.24 -8.70 -0.63
N PHE B 157 -16.04 -9.46 -1.37
CA PHE B 157 -17.47 -9.17 -1.43
C PHE B 157 -18.12 -9.26 -0.05
N PHE B 158 -17.81 -10.33 0.69
CA PHE B 158 -18.44 -10.50 2.00
C PHE B 158 -17.96 -9.45 2.99
N VAL B 159 -16.68 -9.07 2.93
CA VAL B 159 -16.20 -8.03 3.82
C VAL B 159 -16.94 -6.73 3.57
N SER B 160 -17.17 -6.40 2.29
CA SER B 160 -17.92 -5.19 1.98
C SER B 160 -19.31 -5.22 2.60
N HIS B 161 -20.04 -6.32 2.41
CA HIS B 161 -21.39 -6.33 2.98
C HIS B 161 -21.38 -6.27 4.50
N TYR B 162 -20.43 -6.96 5.15
CA TYR B 162 -20.38 -6.93 6.62
C TYR B 162 -20.12 -5.53 7.14
N VAL B 163 -19.19 -4.82 6.51
CA VAL B 163 -18.92 -3.45 6.95
C VAL B 163 -20.14 -2.57 6.74
N PHE B 164 -20.84 -2.72 5.62
CA PHE B 164 -22.03 -1.89 5.43
C PHE B 164 -23.11 -2.22 6.43
N ARG B 165 -23.19 -3.49 6.86
CA ARG B 165 -24.13 -3.84 7.92
C ARG B 165 -23.80 -3.10 9.20
N TRP B 166 -22.50 -3.05 9.54
CA TRP B 166 -22.08 -2.29 10.71
C TRP B 166 -22.51 -0.83 10.60
N ARG B 167 -22.31 -0.23 9.42
CA ARG B 167 -22.68 1.16 9.25
C ARG B 167 -24.18 1.36 9.42
N THR B 168 -24.97 0.43 8.89
CA THR B 168 -26.42 0.51 9.05
C THR B 168 -26.80 0.49 10.52
N ALA B 169 -26.18 -0.40 11.29
CA ALA B 169 -26.49 -0.47 12.71
C ALA B 169 -26.17 0.84 13.41
N MET B 170 -24.97 1.38 13.16
CA MET B 170 -24.59 2.63 13.81
C MET B 170 -25.55 3.76 13.46
N ASN B 171 -25.90 3.87 12.19
CA ASN B 171 -26.76 4.98 11.77
C ASN B 171 -28.14 4.85 12.38
N GLU B 172 -28.69 3.64 12.41
CA GLU B 172 -30.00 3.43 13.02
C GLU B 172 -29.97 3.82 14.48
N TYR B 173 -28.95 3.38 15.22
CA TYR B 173 -28.91 3.69 16.64
C TYR B 173 -28.74 5.18 16.90
N TYR B 174 -27.88 5.88 16.16
CA TYR B 174 -27.78 7.33 16.35
C TYR B 174 -29.07 8.04 16.02
N MET B 175 -29.70 7.72 14.88
CA MET B 175 -30.92 8.43 14.51
C MET B 175 -32.09 8.09 15.43
N ALA B 176 -31.98 7.00 16.19
CA ALA B 176 -33.02 6.70 17.17
C ALA B 176 -33.11 7.77 18.24
N ASN B 177 -32.00 8.40 18.59
CA ASN B 177 -31.93 9.38 19.67
C ASN B 177 -31.50 10.73 19.14
N TRP B 178 -32.07 11.14 18.01
CA TRP B 178 -31.61 12.34 17.32
C TRP B 178 -32.01 13.63 18.02
N GLN B 179 -33.09 13.61 18.80
CA GLN B 179 -33.61 14.85 19.37
C GLN B 179 -32.67 15.43 20.41
N GLN B 180 -32.18 14.59 21.31
CA GLN B 180 -31.29 15.02 22.38
C GLN B 180 -29.83 14.85 22.01
N LEU B 181 -29.53 14.68 20.73
CA LEU B 181 -28.17 14.47 20.27
C LEU B 181 -27.73 15.47 19.22
N ARG B 182 -28.64 16.28 18.70
CA ARG B 182 -28.34 17.29 17.70
C ARG B 182 -27.71 18.55 18.28
N HIS B 183 -27.78 18.74 19.60
CA HIS B 183 -27.27 19.96 20.21
C HIS B 183 -25.74 20.00 20.25
N ILE B 184 -25.08 18.93 19.92
CA ILE B 184 -23.62 18.88 19.88
C ILE B 184 -23.16 19.46 18.56
N GLU B 185 -22.06 20.21 18.61
CA GLU B 185 -21.52 20.81 17.40
C GLU B 185 -21.10 19.75 16.40
N GLY B 186 -21.38 20.02 15.12
CA GLY B 186 -21.03 19.07 14.07
C GLY B 186 -21.77 17.76 14.14
N ALA B 187 -23.06 17.79 14.48
CA ALA B 187 -23.83 16.56 14.56
C ALA B 187 -24.10 15.95 13.20
N ALA B 188 -24.35 16.77 12.18
CA ALA B 188 -24.67 16.24 10.86
C ALA B 188 -23.48 15.50 10.26
N GLN B 189 -22.26 15.89 10.59
CA GLN B 189 -21.08 15.21 10.07
C GLN B 189 -20.90 13.84 10.71
N ARG B 190 -21.18 13.75 12.02
CA ARG B 190 -20.93 12.51 12.76
C ARG B 190 -21.64 11.33 12.15
N VAL B 191 -22.92 11.50 11.80
CA VAL B 191 -23.73 10.35 11.42
C VAL B 191 -23.55 9.97 9.95
N GLN B 192 -23.07 10.86 9.10
CA GLN B 192 -22.94 10.55 7.68
C GLN B 192 -21.49 10.51 7.20
N GLU B 193 -20.74 11.61 7.34
CA GLU B 193 -19.36 11.61 6.84
C GLU B 193 -18.50 10.64 7.64
N ASP B 194 -18.58 10.73 8.98
CA ASP B 194 -17.73 9.89 9.82
C ASP B 194 -18.05 8.41 9.63
N THR B 195 -19.32 8.06 9.52
CA THR B 195 -19.68 6.67 9.32
C THR B 195 -19.19 6.17 7.96
N MET B 196 -19.32 6.99 6.92
CA MET B 196 -18.81 6.56 5.61
C MET B 196 -17.31 6.33 5.65
N ARG B 197 -16.56 7.27 6.22
CA ARG B 197 -15.12 7.10 6.26
C ARG B 197 -14.72 5.94 7.14
N PHE B 198 -15.45 5.70 8.23
CA PHE B 198 -15.17 4.53 9.07
C PHE B 198 -15.35 3.25 8.28
N ALA B 199 -16.45 3.14 7.54
CA ALA B 199 -16.70 1.95 6.75
C ALA B 199 -15.61 1.74 5.70
N SER B 200 -15.30 2.77 4.93
CA SER B 200 -14.32 2.63 3.85
C SER B 200 -12.93 2.36 4.39
N THR B 201 -12.56 3.00 5.50
CA THR B 201 -11.25 2.79 6.09
C THR B 201 -11.11 1.39 6.68
N LEU B 202 -12.14 0.91 7.38
CA LEU B 202 -12.05 -0.40 7.98
C LEU B 202 -12.06 -1.51 6.93
N GLU B 203 -12.76 -1.30 5.81
CA GLU B 203 -12.73 -2.29 4.75
C GLU B 203 -11.33 -2.51 4.19
N ASN B 204 -10.47 -1.50 4.27
CA ASN B 204 -9.14 -1.55 3.70
C ASN B 204 -8.05 -1.86 4.72
N MET B 205 -8.17 -1.34 5.94
CA MET B 205 -7.11 -1.47 6.93
C MET B 205 -7.40 -2.57 7.95
N GLY B 206 -8.52 -3.26 7.80
CA GLY B 206 -8.86 -4.32 8.72
C GLY B 206 -8.28 -5.65 8.29
N VAL B 207 -8.46 -5.97 7.01
CA VAL B 207 -7.95 -7.23 6.48
C VAL B 207 -6.43 -7.25 6.55
N SER B 208 -5.79 -6.13 6.22
CA SER B 208 -4.33 -6.09 6.21
C SER B 208 -3.75 -6.32 7.61
N PHE B 209 -4.40 -5.78 8.64
CA PHE B 209 -3.91 -5.95 9.99
C PHE B 209 -4.07 -7.38 10.48
N ILE B 210 -5.21 -8.02 10.20
CA ILE B 210 -5.39 -9.41 10.59
C ILE B 210 -4.42 -10.31 9.82
N ASN B 211 -4.15 -9.97 8.55
CA ASN B 211 -3.27 -10.80 7.73
C ASN B 211 -1.85 -10.84 8.30
N ALA B 212 -1.36 -9.72 8.83
CA ALA B 212 -0.01 -9.69 9.37
C ALA B 212 0.12 -10.59 10.59
N ILE B 213 -0.83 -10.51 11.51
CA ILE B 213 -0.79 -11.36 12.69
C ILE B 213 -0.90 -12.82 12.28
N MET B 214 -1.75 -13.13 11.30
CA MET B 214 -1.86 -14.50 10.84
C MET B 214 -0.56 -15.00 10.24
N THR B 215 0.14 -14.14 9.48
CA THR B 215 1.42 -14.55 8.91
C THR B 215 2.44 -14.84 9.99
N LEU B 216 2.49 -14.00 11.02
CA LEU B 216 3.42 -14.24 12.13
C LEU B 216 3.10 -15.57 12.82
N ILE B 217 1.82 -15.81 13.09
CA ILE B 217 1.42 -17.05 13.77
C ILE B 217 1.74 -18.26 12.90
N ALA B 218 1.61 -18.13 11.58
CA ALA B 218 1.90 -19.25 10.69
C ALA B 218 3.40 -19.57 10.67
N PHE B 219 4.25 -18.54 10.62
CA PHE B 219 5.67 -18.79 10.48
C PHE B 219 6.39 -19.00 11.79
N LEU B 220 5.75 -18.77 12.93
CA LEU B 220 6.42 -18.94 14.22
C LEU B 220 7.03 -20.32 14.42
N PRO B 221 6.34 -21.44 14.16
CA PRO B 221 6.94 -22.75 14.46
C PRO B 221 8.25 -23.03 13.73
N VAL B 222 8.43 -22.54 12.51
CA VAL B 222 9.69 -22.76 11.81
C VAL B 222 10.84 -22.11 12.56
N LEU B 223 10.64 -20.88 13.03
CA LEU B 223 11.68 -20.24 13.82
C LEU B 223 11.87 -20.95 15.15
N VAL B 224 10.80 -21.50 15.72
CA VAL B 224 10.95 -22.26 16.96
C VAL B 224 11.87 -23.45 16.75
N THR B 225 11.66 -24.18 15.65
CA THR B 225 12.44 -25.37 15.38
C THR B 225 13.75 -25.09 14.67
N LEU B 226 14.05 -23.83 14.35
CA LEU B 226 15.27 -23.49 13.64
C LEU B 226 16.25 -22.69 14.48
N SER B 227 15.83 -22.21 15.65
CA SER B 227 16.69 -21.37 16.49
C SER B 227 17.61 -22.18 17.37
N ALA B 228 17.87 -23.43 17.01
CA ALA B 228 18.85 -24.24 17.70
C ALA B 228 20.27 -24.04 17.17
N HIS B 229 20.41 -23.35 16.04
CA HIS B 229 21.73 -23.06 15.48
C HIS B 229 22.21 -21.66 15.76
N VAL B 230 21.37 -20.79 16.32
CA VAL B 230 21.80 -19.43 16.65
C VAL B 230 21.75 -19.35 18.16
N PRO B 231 22.90 -19.41 18.83
CA PRO B 231 22.91 -19.34 20.30
C PRO B 231 23.14 -17.95 20.86
N GLU B 232 23.56 -16.99 20.04
CA GLU B 232 23.90 -15.67 20.54
C GLU B 232 23.27 -14.60 19.65
N LEU B 233 22.82 -13.54 20.27
CA LEU B 233 22.31 -12.36 19.58
C LEU B 233 23.31 -11.22 19.75
N PRO B 234 23.30 -10.23 18.86
CA PRO B 234 24.43 -9.28 18.78
C PRO B 234 24.79 -8.60 20.09
N ILE B 235 23.85 -7.86 20.69
CA ILE B 235 24.18 -7.06 21.87
C ILE B 235 23.23 -7.47 22.98
N ILE B 236 22.84 -8.74 22.99
CA ILE B 236 21.91 -9.23 24.01
C ILE B 236 22.63 -10.21 24.92
N GLY B 237 23.40 -11.12 24.33
CA GLY B 237 24.07 -12.15 25.11
C GLY B 237 23.69 -13.55 24.67
N HIS B 238 22.97 -14.26 25.51
CA HIS B 238 22.59 -15.64 25.21
C HIS B 238 21.19 -15.90 25.76
N ILE B 239 20.21 -16.01 24.87
CA ILE B 239 18.83 -16.29 25.27
C ILE B 239 18.43 -17.66 24.72
N PRO B 240 17.48 -18.36 25.33
CA PRO B 240 17.18 -19.72 24.88
C PRO B 240 16.42 -19.78 23.57
N TYR B 241 15.67 -18.73 23.25
CA TYR B 241 14.90 -18.68 22.01
C TYR B 241 15.39 -17.46 21.22
N GLY B 242 16.30 -17.72 20.28
CA GLY B 242 16.90 -16.63 19.56
C GLY B 242 15.96 -15.92 18.60
N LEU B 243 15.53 -16.61 17.56
CA LEU B 243 14.85 -15.96 16.45
C LEU B 243 13.41 -15.59 16.76
N VAL B 244 12.72 -16.36 17.59
CA VAL B 244 11.32 -16.06 17.90
C VAL B 244 11.20 -14.74 18.64
N ILE B 245 12.03 -14.56 19.68
CA ILE B 245 11.99 -13.32 20.44
C ILE B 245 12.38 -12.14 19.55
N ALA B 246 13.41 -12.32 18.72
CA ALA B 246 13.84 -11.25 17.82
C ALA B 246 12.70 -10.83 16.89
N ALA B 247 12.05 -11.80 16.26
CA ALA B 247 10.98 -11.47 15.32
C ALA B 247 9.81 -10.80 16.02
N ILE B 248 9.36 -11.37 17.14
CA ILE B 248 8.19 -10.81 17.83
C ILE B 248 8.48 -9.40 18.30
N VAL B 249 9.65 -9.19 18.91
CA VAL B 249 9.99 -7.86 19.42
C VAL B 249 10.12 -6.86 18.29
N TRP B 250 10.79 -7.24 17.20
CA TRP B 250 10.94 -6.33 16.07
C TRP B 250 9.58 -5.89 15.54
N SER B 251 8.70 -6.85 15.25
CA SER B 251 7.41 -6.50 14.67
C SER B 251 6.55 -5.70 15.63
N LEU B 252 6.46 -6.15 16.89
CA LEU B 252 5.62 -5.44 17.86
C LEU B 252 6.12 -4.03 18.10
N MET B 253 7.43 -3.84 18.19
CA MET B 253 7.96 -2.50 18.41
C MET B 253 7.74 -1.63 17.18
N GLY B 254 8.00 -2.17 15.99
CA GLY B 254 7.76 -1.40 14.79
C GLY B 254 6.32 -0.97 14.62
N THR B 255 5.37 -1.75 15.14
CA THR B 255 3.98 -1.33 15.06
C THR B 255 3.56 -0.41 16.20
N GLY B 256 4.11 -0.61 17.40
CA GLY B 256 3.63 0.09 18.57
C GLY B 256 4.39 1.34 18.95
N LEU B 257 5.72 1.32 18.84
CA LEU B 257 6.51 2.50 19.16
C LEU B 257 6.20 3.62 18.20
N LEU B 258 5.87 3.31 16.94
CA LEU B 258 5.44 4.36 16.02
C LEU B 258 4.15 5.00 16.50
N ALA B 259 3.20 4.19 16.98
CA ALA B 259 1.97 4.76 17.52
C ALA B 259 2.24 5.64 18.73
N VAL B 260 3.14 5.19 19.61
CA VAL B 260 3.47 5.98 20.80
C VAL B 260 4.13 7.30 20.40
N VAL B 261 5.03 7.25 19.42
CA VAL B 261 5.69 8.46 18.95
C VAL B 261 4.67 9.42 18.35
N GLY B 262 3.77 8.90 17.52
CA GLY B 262 2.79 9.75 16.89
C GLY B 262 1.45 9.75 17.60
N ILE B 263 1.47 9.67 18.93
CA ILE B 263 0.23 9.70 19.70
C ILE B 263 -0.51 11.03 19.58
N LYS B 264 0.19 12.11 19.29
CA LYS B 264 -0.42 13.43 19.26
C LYS B 264 -1.10 13.74 17.92
N LEU B 265 -0.80 12.98 16.88
CA LEU B 265 -1.36 13.19 15.55
C LEU B 265 -2.87 13.04 15.51
N PRO B 266 -3.46 11.97 16.04
CA PRO B 266 -4.92 11.83 15.95
C PRO B 266 -5.69 12.94 16.63
N GLY B 267 -5.08 13.66 17.56
CA GLY B 267 -5.76 14.76 18.20
C GLY B 267 -5.82 16.03 17.41
N LEU B 268 -5.15 16.09 16.26
CA LEU B 268 -5.18 17.27 15.41
C LEU B 268 -6.21 17.17 14.30
N GLU B 269 -6.30 16.00 13.66
CA GLU B 269 -7.31 15.79 12.64
C GLU B 269 -8.71 16.11 13.17
N PHE B 270 -8.97 15.77 14.43
CA PHE B 270 -10.21 16.16 15.09
C PHE B 270 -10.52 17.64 14.84
N LYS B 271 -9.61 18.52 15.27
CA LYS B 271 -9.85 19.94 15.09
C LYS B 271 -10.00 20.30 13.63
N ASN B 272 -9.18 19.68 12.77
CA ASN B 272 -9.30 19.93 11.34
C ASN B 272 -10.73 19.70 10.90
N GLN B 273 -11.27 18.53 11.24
CA GLN B 273 -12.62 18.20 10.81
C GLN B 273 -13.62 19.21 11.35
N ARG B 274 -13.44 19.64 12.61
CA ARG B 274 -14.39 20.59 13.17
C ARG B 274 -14.45 21.84 12.32
N VAL B 275 -13.28 22.41 11.99
CA VAL B 275 -13.31 23.67 11.27
C VAL B 275 -13.92 23.46 9.90
N GLU B 276 -13.66 22.31 9.27
CA GLU B 276 -14.25 22.09 7.96
C GLU B 276 -15.75 22.00 8.04
N ALA B 277 -16.27 21.38 9.09
CA ALA B 277 -17.72 21.34 9.24
C ALA B 277 -18.26 22.75 9.39
N ALA B 278 -17.60 23.58 10.19
CA ALA B 278 -18.06 24.95 10.37
C ALA B 278 -18.05 25.69 9.04
N TYR B 279 -17.15 25.30 8.15
CA TYR B 279 -17.16 25.86 6.80
C TYR B 279 -18.38 25.38 6.04
N ARG B 280 -18.55 24.06 5.95
CA ARG B 280 -19.53 23.49 5.02
C ARG B 280 -20.94 23.91 5.36
N LYS B 281 -21.27 23.95 6.66
CA LYS B 281 -22.59 24.36 7.07
C LYS B 281 -22.98 25.70 6.43
N GLU B 282 -22.06 26.67 6.46
CA GLU B 282 -22.39 27.97 5.90
C GLU B 282 -22.78 27.85 4.44
N LEU B 283 -22.01 27.09 3.67
CA LEU B 283 -22.29 26.95 2.25
C LEU B 283 -23.62 26.26 2.03
N VAL B 284 -23.94 25.28 2.87
CA VAL B 284 -25.22 24.59 2.71
C VAL B 284 -26.36 25.55 2.96
N TYR B 285 -26.17 26.49 3.90
CA TYR B 285 -27.19 27.51 4.10
C TYR B 285 -27.22 28.49 2.94
N GLY B 286 -26.08 28.66 2.27
CA GLY B 286 -25.99 29.61 1.18
C GLY B 286 -26.50 29.09 -0.15
N GLU B 287 -26.72 27.78 -0.27
CA GLU B 287 -27.16 27.22 -1.52
C GLU B 287 -28.57 27.66 -1.88
N ASP B 288 -29.32 28.18 -0.93
CA ASP B 288 -30.64 28.72 -1.18
C ASP B 288 -30.71 30.23 -0.98
N ASP B 289 -30.36 30.72 0.20
CA ASP B 289 -30.40 32.15 0.48
C ASP B 289 -29.21 32.83 -0.17
N ALA B 290 -29.45 33.99 -0.78
CA ALA B 290 -28.40 34.73 -1.45
C ALA B 290 -27.60 35.64 -0.53
N THR B 291 -28.02 35.79 0.72
CA THR B 291 -27.36 36.69 1.67
C THR B 291 -26.42 35.97 2.61
N ARG B 292 -26.14 34.68 2.40
CA ARG B 292 -25.31 33.91 3.30
C ARG B 292 -24.04 33.38 2.65
N ALA B 293 -23.63 33.95 1.52
CA ALA B 293 -22.37 33.55 0.90
C ALA B 293 -21.46 34.76 0.75
N THR B 294 -21.50 35.66 1.71
CA THR B 294 -20.75 36.89 1.67
C THR B 294 -19.25 36.58 1.70
N PRO B 295 -18.42 37.33 0.99
CA PRO B 295 -16.99 37.00 0.89
C PRO B 295 -16.29 36.94 2.24
N PRO B 296 -16.40 37.97 3.11
CA PRO B 296 -15.55 37.98 4.32
C PRO B 296 -15.72 36.77 5.22
N THR B 297 -16.94 36.26 5.38
CA THR B 297 -17.11 35.10 6.26
C THR B 297 -16.42 33.87 5.66
N VAL B 298 -16.51 33.69 4.34
CA VAL B 298 -15.78 32.62 3.68
C VAL B 298 -14.28 32.80 3.87
N ARG B 299 -13.82 34.04 3.79
CA ARG B 299 -12.39 34.32 4.02
C ARG B 299 -11.98 33.85 5.41
N GLU B 300 -12.76 34.20 6.43
CA GLU B 300 -12.37 33.84 7.79
C GLU B 300 -12.37 32.33 7.98
N LEU B 301 -13.38 31.63 7.44
CA LEU B 301 -13.43 30.19 7.60
C LEU B 301 -12.23 29.52 6.93
N PHE B 302 -11.91 29.94 5.71
CA PHE B 302 -10.77 29.33 5.03
C PHE B 302 -9.47 29.68 5.72
N SER B 303 -9.37 30.88 6.31
CA SER B 303 -8.17 31.24 7.05
C SER B 303 -7.97 30.30 8.24
N ALA B 304 -9.05 29.99 8.96
CA ALA B 304 -8.93 29.04 10.07
C ALA B 304 -8.52 27.67 9.58
N VAL B 305 -9.09 27.22 8.45
CA VAL B 305 -8.75 25.91 7.92
C VAL B 305 -7.25 25.84 7.58
N ARG B 306 -6.75 26.88 6.93
CA ARG B 306 -5.33 26.92 6.58
C ARG B 306 -4.45 26.91 7.82
N LYS B 307 -4.83 27.70 8.83
CA LYS B 307 -4.01 27.78 10.03
C LYS B 307 -3.92 26.43 10.72
N ASN B 308 -5.00 25.65 10.72
CA ASN B 308 -4.91 24.34 11.37
C ASN B 308 -4.12 23.34 10.52
N TYR B 309 -4.32 23.38 9.20
CA TYR B 309 -3.64 22.40 8.35
C TYR B 309 -2.14 22.59 8.35
N PHE B 310 -1.67 23.85 8.46
CA PHE B 310 -0.23 24.06 8.51
C PHE B 310 0.39 23.38 9.73
N ARG B 311 -0.27 23.49 10.88
CA ARG B 311 0.25 22.82 12.08
C ARG B 311 0.24 21.32 11.92
N LEU B 312 -0.83 20.77 11.33
CA LEU B 312 -0.84 19.32 11.10
C LEU B 312 0.33 18.90 10.23
N TYR B 313 0.59 19.61 9.14
CA TYR B 313 1.70 19.23 8.27
C TYR B 313 3.02 19.39 9.00
N PHE B 314 3.12 20.36 9.91
CA PHE B 314 4.35 20.54 10.67
C PHE B 314 4.62 19.35 11.59
N HIS B 315 3.59 18.80 12.20
CA HIS B 315 3.79 17.70 13.14
C HIS B 315 4.06 16.35 12.47
N TYR B 316 4.28 16.28 11.15
CA TYR B 316 4.68 15.04 10.52
C TYR B 316 6.17 14.87 10.34
N MET B 317 6.98 15.91 10.52
CA MET B 317 8.41 15.76 10.30
C MET B 317 9.01 14.77 11.28
N TYR B 318 8.73 14.94 12.58
CA TYR B 318 9.33 14.07 13.58
C TYR B 318 8.69 12.70 13.63
N PHE B 319 7.59 12.49 12.92
CA PHE B 319 7.05 11.14 12.74
C PHE B 319 7.68 10.45 11.54
N ASN B 320 7.86 11.19 10.45
CA ASN B 320 8.51 10.62 9.27
C ASN B 320 9.96 10.28 9.56
N ILE B 321 10.62 11.04 10.43
CA ILE B 321 11.99 10.70 10.79
C ILE B 321 12.06 9.27 11.31
N ALA B 322 11.12 8.89 12.18
CA ALA B 322 11.09 7.54 12.71
C ALA B 322 10.64 6.52 11.69
N ARG B 323 9.57 6.82 10.95
CA ARG B 323 9.00 5.82 10.03
C ARG B 323 9.96 5.49 8.89
N ILE B 324 10.56 6.51 8.27
CA ILE B 324 11.45 6.26 7.14
C ILE B 324 12.70 5.54 7.61
N LEU B 325 13.23 5.90 8.78
CA LEU B 325 14.38 5.21 9.32
C LEU B 325 14.08 3.74 9.60
N TYR B 326 12.90 3.47 10.18
CA TYR B 326 12.52 2.09 10.46
C TYR B 326 12.40 1.29 9.17
N LEU B 327 11.79 1.88 8.14
CA LEU B 327 11.73 1.18 6.86
C LEU B 327 13.11 0.93 6.28
N GLN B 328 14.00 1.91 6.38
CA GLN B 328 15.33 1.77 5.78
C GLN B 328 16.16 0.71 6.48
N VAL B 329 16.13 0.66 7.81
CA VAL B 329 16.97 -0.30 8.52
C VAL B 329 16.41 -1.71 8.42
N ASP B 330 15.11 -1.85 8.16
CA ASP B 330 14.47 -3.16 8.26
C ASP B 330 15.00 -4.12 7.20
N ASN B 331 15.49 -3.60 6.07
CA ASN B 331 15.98 -4.44 4.99
C ASN B 331 17.18 -5.30 5.36
N VAL B 332 17.93 -4.93 6.39
CA VAL B 332 19.12 -5.68 6.79
C VAL B 332 19.05 -6.14 8.25
N PHE B 333 17.87 -6.10 8.87
CA PHE B 333 17.75 -6.60 10.22
C PHE B 333 17.94 -8.10 10.31
N GLY B 334 17.46 -8.86 9.33
CA GLY B 334 17.60 -10.30 9.38
C GLY B 334 19.02 -10.79 9.17
N LEU B 335 19.87 -9.96 8.59
CA LEU B 335 21.27 -10.30 8.41
C LEU B 335 22.17 -9.74 9.49
N PHE B 336 21.72 -8.70 10.19
CA PHE B 336 22.46 -8.18 11.33
C PHE B 336 22.58 -9.20 12.45
N LEU B 337 21.52 -9.96 12.73
CA LEU B 337 21.51 -10.87 13.86
C LEU B 337 22.54 -11.98 13.74
N LEU B 338 23.10 -12.21 12.57
CA LEU B 338 23.92 -13.40 12.33
C LEU B 338 25.41 -13.09 12.31
N PHE B 339 25.81 -11.88 12.72
CA PHE B 339 27.24 -11.60 12.76
C PHE B 339 28.00 -12.51 13.72
N PRO B 340 27.60 -12.64 14.99
CA PRO B 340 28.35 -13.54 15.87
C PRO B 340 28.32 -14.99 15.45
N SER B 341 27.23 -15.45 14.85
CA SER B 341 27.15 -16.86 14.48
C SER B 341 28.09 -17.19 13.32
N ILE B 342 28.28 -16.27 12.39
CA ILE B 342 29.20 -16.53 11.29
C ILE B 342 30.63 -16.60 11.79
N VAL B 343 31.04 -15.65 12.63
CA VAL B 343 32.41 -15.69 13.14
C VAL B 343 32.62 -16.89 14.05
N ALA B 344 31.56 -17.33 14.73
CA ALA B 344 31.67 -18.54 15.53
C ALA B 344 31.70 -19.79 14.68
N GLY B 345 31.34 -19.69 13.41
CA GLY B 345 31.38 -20.85 12.53
C GLY B 345 30.36 -21.91 12.84
N THR B 346 29.28 -21.56 13.53
CA THR B 346 28.26 -22.55 13.84
C THR B 346 27.34 -22.81 12.66
N ILE B 347 26.81 -21.75 12.05
CA ILE B 347 25.87 -21.90 10.95
C ILE B 347 26.64 -22.20 9.66
N THR B 348 25.92 -22.69 8.66
CA THR B 348 26.49 -22.98 7.36
C THR B 348 25.68 -22.25 6.29
N LEU B 349 26.21 -22.21 5.08
CA LEU B 349 25.48 -21.62 3.97
C LEU B 349 24.26 -22.48 3.65
N GLY B 350 23.18 -21.84 3.24
CA GLY B 350 21.95 -22.54 2.97
C GLY B 350 20.98 -22.38 4.11
N LEU B 351 21.49 -22.46 5.34
CA LEU B 351 20.66 -22.14 6.50
C LEU B 351 20.47 -20.63 6.61
N MET B 352 21.50 -19.87 6.24
CA MET B 352 21.38 -18.42 6.11
C MET B 352 20.28 -18.06 5.14
N THR B 353 20.19 -18.76 4.01
CA THR B 353 19.15 -18.49 3.05
C THR B 353 17.77 -18.73 3.65
N GLN B 354 17.62 -19.81 4.42
CA GLN B 354 16.34 -20.07 5.06
C GLN B 354 15.95 -18.96 6.03
N ILE B 355 16.89 -18.53 6.88
CA ILE B 355 16.55 -17.48 7.84
C ILE B 355 16.19 -16.20 7.11
N THR B 356 16.98 -15.83 6.09
CA THR B 356 16.71 -14.59 5.38
C THR B 356 15.37 -14.63 4.66
N ASN B 357 15.05 -15.77 4.02
CA ASN B 357 13.76 -15.88 3.34
C ASN B 357 12.60 -15.78 4.32
N VAL B 358 12.71 -16.45 5.47
CA VAL B 358 11.63 -16.37 6.45
C VAL B 358 11.42 -14.94 6.92
N PHE B 359 12.52 -14.25 7.26
CA PHE B 359 12.37 -12.89 7.77
C PHE B 359 11.85 -11.96 6.68
N GLY B 360 12.21 -12.21 5.43
CA GLY B 360 11.70 -11.38 4.35
C GLY B 360 10.20 -11.53 4.16
N GLN B 361 9.72 -12.77 4.17
CA GLN B 361 8.28 -12.97 4.01
C GLN B 361 7.51 -12.48 5.22
N VAL B 362 8.13 -12.48 6.40
CA VAL B 362 7.46 -11.88 7.54
C VAL B 362 7.38 -10.37 7.39
N ARG B 363 8.47 -9.74 6.93
CA ARG B 363 8.48 -8.29 6.74
C ARG B 363 7.50 -7.84 5.66
N GLY B 364 7.25 -8.69 4.67
CA GLY B 364 6.35 -8.30 3.60
C GLY B 364 4.95 -7.97 4.04
N ALA B 365 4.49 -8.58 5.14
CA ALA B 365 3.13 -8.35 5.60
C ALA B 365 2.98 -7.00 6.29
N PHE B 366 4.00 -6.59 7.04
CA PHE B 366 3.95 -5.31 7.74
C PHE B 366 4.40 -4.15 6.88
N GLN B 367 5.08 -4.41 5.75
CA GLN B 367 5.46 -3.31 4.89
C GLN B 367 4.26 -2.50 4.41
N TYR B 368 3.19 -3.18 3.96
CA TYR B 368 2.01 -2.47 3.48
C TYR B 368 1.31 -1.73 4.59
N LEU B 369 1.32 -2.27 5.81
CA LEU B 369 0.68 -1.60 6.92
C LEU B 369 1.42 -0.35 7.34
N ILE B 370 2.76 -0.38 7.28
CA ILE B 370 3.54 0.79 7.71
C ILE B 370 3.52 1.86 6.62
N ASN B 371 3.62 1.45 5.35
CA ASN B 371 3.67 2.43 4.28
C ASN B 371 2.42 3.30 4.21
N SER B 372 1.28 2.80 4.68
CA SER B 372 0.04 3.58 4.67
C SER B 372 -0.36 3.84 6.12
N TRP B 373 0.21 4.90 6.69
CA TRP B 373 -0.08 5.28 8.05
C TRP B 373 -1.06 6.44 8.15
N THR B 374 -1.29 7.16 7.05
CA THR B 374 -2.31 8.21 7.06
C THR B 374 -3.69 7.61 7.30
N THR B 375 -3.97 6.46 6.70
CA THR B 375 -5.26 5.83 6.87
C THR B 375 -5.51 5.40 8.30
N LEU B 376 -4.50 4.87 8.99
CA LEU B 376 -4.67 4.54 10.40
C LEU B 376 -4.95 5.78 11.22
N VAL B 377 -4.28 6.89 10.91
CA VAL B 377 -4.53 8.14 11.62
C VAL B 377 -5.97 8.56 11.44
N GLU B 378 -6.48 8.47 10.21
CA GLU B 378 -7.86 8.84 9.96
C GLU B 378 -8.82 7.93 10.73
N LEU B 379 -8.53 6.63 10.76
CA LEU B 379 -9.40 5.70 11.47
C LEU B 379 -9.42 6.00 12.97
N MET B 380 -8.25 6.29 13.55
CA MET B 380 -8.19 6.60 14.97
C MET B 380 -8.92 7.90 15.28
N SER B 381 -8.79 8.90 14.40
CA SER B 381 -9.53 10.14 14.59
C SER B 381 -11.03 9.91 14.52
N ILE B 382 -11.49 9.06 13.60
CA ILE B 382 -12.91 8.74 13.54
C ILE B 382 -13.36 8.07 14.82
N TYR B 383 -12.54 7.16 15.35
CA TYR B 383 -12.89 6.51 16.60
C TYR B 383 -13.05 7.53 17.71
N LYS B 384 -12.12 8.47 17.83
CA LYS B 384 -12.21 9.46 18.89
C LYS B 384 -13.44 10.35 18.72
N ARG B 385 -13.72 10.77 17.48
CA ARG B 385 -14.90 11.60 17.23
C ARG B 385 -16.18 10.89 17.64
N LEU B 386 -16.34 9.63 17.21
CA LEU B 386 -17.57 8.91 17.54
C LEU B 386 -17.67 8.66 19.05
N ARG B 387 -16.55 8.33 19.69
CA ARG B 387 -16.58 8.10 21.13
C ARG B 387 -16.96 9.36 21.89
N SER B 388 -16.41 10.51 21.50
CA SER B 388 -16.78 11.76 22.13
C SER B 388 -18.24 12.12 21.87
N PHE B 389 -18.75 11.81 20.68
CA PHE B 389 -20.14 12.07 20.36
C PHE B 389 -21.08 11.17 21.13
N GLU B 390 -20.66 9.96 21.48
CA GLU B 390 -21.56 8.99 22.09
C GLU B 390 -21.96 9.40 23.51
N HIS B 391 -21.12 10.15 24.21
CA HIS B 391 -21.45 10.60 25.55
C HIS B 391 -22.29 11.86 25.54
#